data_6WAQ
#
_entry.id   6WAQ
#
_cell.length_a   88.848
_cell.length_b   88.848
_cell.length_c   200.887
_cell.angle_alpha   90.000
_cell.angle_beta   90.000
_cell.angle_gamma   120.000
#
_symmetry.space_group_name_H-M   'P 31 2 1'
#
loop_
_entity.id
_entity.type
_entity.pdbx_description
1 polymer 'nanobody SARS VHH-72'
2 polymer 'Spike glycoprotein'
3 non-polymer 2-acetamido-2-deoxy-beta-D-glucopyranose
4 water water
#
loop_
_entity_poly.entity_id
_entity_poly.type
_entity_poly.pdbx_seq_one_letter_code
_entity_poly.pdbx_strand_id
1 'polypeptide(L)'
;QVQLQESGGGLVQAGGSLRLSCAASGRTFSEYAMGWFRQAPGKEREFVATISWSGGSTYYTDSVKGRFTISRDNAKNTVY
LQMNSLKPDDTAVYYCAAAGLGTVVSEWDYDYDYWGQGTQVTVSSGS
;
A,C
2 'polypeptide(L)'
;TNLCPFGEVFNATKFPSVYAWERKKISNCVADYSVLYNSTFFSTFKCYGVSATKLNDLCFSNVYADSFVVKGDDVRQIAP
GQTGVIADYNYKLPDDFMGCVLAWNTRNIDATSTGNYNYKYRYLRHGKLRPFERDISNVPFSPDGKPCTPPALNCYWPLN
DYGFYTTTGIGYQPYRVVVLSFEGSLEVLFQ
;
D,B
#
loop_
_chem_comp.id
_chem_comp.type
_chem_comp.name
_chem_comp.formula
NAG D-saccharide, beta linking 2-acetamido-2-deoxy-beta-D-glucopyranose 'C8 H15 N O6'
#
# COMPACT_ATOMS: atom_id res chain seq x y z
N GLN A 1 -35.59 30.21 19.90
CA GLN A 1 -35.84 31.17 18.83
C GLN A 1 -36.03 30.46 17.50
N VAL A 2 -35.10 29.55 17.20
CA VAL A 2 -35.05 28.81 15.93
C VAL A 2 -35.32 27.35 16.26
N GLN A 3 -36.44 26.82 15.76
CA GLN A 3 -36.91 25.54 16.27
C GLN A 3 -37.59 24.72 15.17
N LEU A 4 -37.57 23.40 15.36
CA LEU A 4 -38.20 22.42 14.47
C LEU A 4 -39.17 21.56 15.26
N GLN A 5 -40.14 21.00 14.56
CA GLN A 5 -41.10 20.08 15.17
C GLN A 5 -41.50 19.03 14.14
N GLU A 6 -41.46 17.77 14.55
CA GLU A 6 -41.80 16.66 13.69
C GLU A 6 -43.30 16.38 13.73
N SER A 7 -43.77 15.67 12.72
CA SER A 7 -45.18 15.28 12.61
C SER A 7 -45.30 14.25 11.49
N GLY A 8 -46.42 13.52 11.51
CA GLY A 8 -46.71 12.55 10.47
C GLY A 8 -46.25 11.13 10.75
N GLY A 9 -45.71 10.86 11.94
CA GLY A 9 -45.33 9.51 12.29
C GLY A 9 -46.50 8.74 12.88
N GLY A 10 -46.26 7.46 13.13
CA GLY A 10 -47.28 6.65 13.77
C GLY A 10 -47.01 5.17 13.58
N LEU A 11 -48.09 4.41 13.59
CA LEU A 11 -48.04 2.96 13.45
C LEU A 11 -48.43 2.60 12.02
N VAL A 12 -47.64 1.73 11.41
CA VAL A 12 -47.84 1.30 10.05
C VAL A 12 -47.31 -0.11 10.02
N GLN A 13 -47.57 -0.79 8.96
CA GLN A 13 -47.06 -2.13 8.92
C GLN A 13 -46.30 -2.38 7.64
N ALA A 14 -45.61 -3.50 7.60
CA ALA A 14 -44.54 -3.70 6.65
C ALA A 14 -45.07 -3.73 5.23
N GLY A 15 -44.57 -2.82 4.41
CA GLY A 15 -45.06 -2.62 3.06
C GLY A 15 -45.94 -1.41 2.89
N GLY A 16 -46.29 -0.72 3.98
CA GLY A 16 -47.09 0.48 3.91
C GLY A 16 -46.23 1.71 3.69
N SER A 17 -46.87 2.87 3.84
CA SER A 17 -46.22 4.15 3.61
C SER A 17 -46.47 5.09 4.79
N LEU A 18 -45.61 6.10 4.89
CA LEU A 18 -45.71 7.13 5.92
C LEU A 18 -45.05 8.39 5.39
N ARG A 19 -45.68 9.54 5.64
CA ARG A 19 -45.22 10.82 5.11
C ARG A 19 -44.89 11.75 6.27
N LEU A 20 -43.61 11.92 6.54
CA LEU A 20 -43.16 12.76 7.64
C LEU A 20 -43.10 14.23 7.21
N SER A 21 -43.30 15.12 8.19
CA SER A 21 -43.23 16.55 7.97
C SER A 21 -42.43 17.20 9.09
N CYS A 22 -41.95 18.40 8.83
CA CYS A 22 -41.15 19.14 9.82
C CYS A 22 -41.23 20.62 9.49
N ALA A 23 -41.85 21.40 10.37
CA ALA A 23 -41.95 22.85 10.20
C ALA A 23 -40.84 23.54 10.97
N ALA A 24 -40.28 24.59 10.38
CA ALA A 24 -39.18 25.34 10.97
C ALA A 24 -39.58 26.78 11.22
N SER A 25 -38.81 27.44 12.08
CA SER A 25 -39.07 28.84 12.43
C SER A 25 -37.75 29.43 12.90
N GLY A 26 -37.74 30.76 13.09
CA GLY A 26 -36.62 31.46 13.65
C GLY A 26 -35.77 32.22 12.63
N ARG A 27 -35.75 31.76 11.38
CA ARG A 27 -35.03 32.45 10.32
C ARG A 27 -35.63 32.05 8.98
N THR A 28 -34.93 32.39 7.89
CA THR A 28 -35.38 32.03 6.55
C THR A 28 -35.10 30.54 6.34
N PHE A 29 -36.16 29.79 6.03
CA PHE A 29 -36.05 28.34 5.84
C PHE A 29 -35.42 27.99 4.50
N SER A 30 -35.56 28.85 3.49
CA SER A 30 -35.06 28.60 2.16
C SER A 30 -33.57 28.91 1.99
N GLU A 31 -32.87 29.24 3.07
CA GLU A 31 -31.46 29.57 3.00
C GLU A 31 -30.56 28.49 3.55
N TYR A 32 -31.11 27.39 4.06
CA TYR A 32 -30.33 26.38 4.76
C TYR A 32 -30.67 25.00 4.23
N ALA A 33 -29.75 24.07 4.45
CA ALA A 33 -29.99 22.67 4.17
C ALA A 33 -30.72 22.02 5.34
N MET A 34 -31.53 21.01 5.03
CA MET A 34 -32.20 20.20 6.03
C MET A 34 -31.78 18.75 5.86
N GLY A 35 -31.99 17.97 6.91
CA GLY A 35 -31.61 16.57 6.89
C GLY A 35 -32.44 15.76 7.87
N TRP A 36 -32.64 14.50 7.53
CA TRP A 36 -33.39 13.57 8.38
C TRP A 36 -32.43 12.59 9.02
N PHE A 37 -32.60 12.38 10.33
CA PHE A 37 -31.86 11.38 11.08
C PHE A 37 -32.87 10.49 11.80
N ARG A 38 -32.42 9.30 12.18
CA ARG A 38 -33.28 8.38 12.92
C ARG A 38 -32.44 7.60 13.90
N GLN A 39 -33.08 7.13 14.97
CA GLN A 39 -32.40 6.38 16.03
C GLN A 39 -33.24 5.17 16.39
N ALA A 40 -32.79 3.99 15.98
CA ALA A 40 -33.39 2.76 16.46
C ALA A 40 -33.15 2.65 17.97
N PRO A 41 -34.01 1.93 18.69
CA PRO A 41 -33.80 1.77 20.14
C PRO A 41 -32.52 1.00 20.43
N GLY A 42 -31.71 1.54 21.33
CA GLY A 42 -30.45 0.90 21.68
C GLY A 42 -29.29 1.34 20.80
N LYS A 43 -29.49 1.36 19.49
CA LYS A 43 -28.44 1.71 18.55
C LYS A 43 -28.34 3.23 18.39
N GLU A 44 -27.14 3.68 18.02
CA GLU A 44 -26.85 5.10 17.92
C GLU A 44 -27.58 5.74 16.73
N ARG A 45 -27.78 7.05 16.84
CA ARG A 45 -28.53 7.78 15.82
C ARG A 45 -27.74 7.86 14.52
N GLU A 46 -28.40 7.52 13.41
CA GLU A 46 -27.76 7.52 12.10
C GLU A 46 -28.49 8.48 11.17
N PHE A 47 -27.87 8.72 10.02
CA PHE A 47 -28.35 9.65 9.01
C PHE A 47 -29.27 8.94 8.03
N VAL A 48 -30.23 9.69 7.48
CA VAL A 48 -31.18 9.12 6.53
C VAL A 48 -31.10 9.85 5.19
N ALA A 49 -31.33 11.16 5.20
CA ALA A 49 -31.38 11.91 3.96
C ALA A 49 -31.08 13.37 4.24
N THR A 50 -30.70 14.10 3.19
CA THR A 50 -30.43 15.53 3.31
C THR A 50 -30.81 16.22 2.01
N ILE A 51 -31.35 17.44 2.14
CA ILE A 51 -31.85 18.22 1.02
C ILE A 51 -31.17 19.59 1.04
N SER A 52 -30.81 20.10 -0.13
CA SER A 52 -30.20 21.41 -0.19
C SER A 52 -31.27 22.49 -0.07
N TRP A 53 -30.81 23.73 0.19
CA TRP A 53 -31.73 24.87 0.32
C TRP A 53 -32.64 25.02 -0.89
N SER A 54 -32.24 24.49 -2.04
CA SER A 54 -32.99 24.63 -3.27
C SER A 54 -33.82 23.40 -3.59
N GLY A 55 -33.54 22.26 -2.97
CA GLY A 55 -34.19 21.03 -3.32
C GLY A 55 -33.61 20.31 -4.51
N GLY A 56 -32.60 20.88 -5.16
CA GLY A 56 -32.04 20.30 -6.37
C GLY A 56 -31.16 19.09 -6.15
N SER A 57 -30.28 19.15 -5.15
CA SER A 57 -29.39 18.04 -4.83
C SER A 57 -29.84 17.38 -3.54
N THR A 58 -29.88 16.05 -3.55
CA THR A 58 -30.23 15.25 -2.40
C THR A 58 -29.25 14.10 -2.28
N TYR A 59 -29.26 13.45 -1.12
CA TYR A 59 -28.44 12.27 -0.89
C TYR A 59 -29.09 11.47 0.23
N TYR A 60 -29.01 10.14 0.11
CA TYR A 60 -29.67 9.23 1.04
C TYR A 60 -28.69 8.18 1.53
N THR A 61 -28.98 7.66 2.73
CA THR A 61 -28.28 6.48 3.21
C THR A 61 -28.74 5.25 2.42
N ASP A 62 -27.88 4.23 2.40
CA ASP A 62 -28.12 3.09 1.51
C ASP A 62 -29.28 2.23 1.97
N SER A 63 -29.48 2.09 3.28
CA SER A 63 -30.56 1.25 3.81
C SER A 63 -31.94 1.70 3.33
N VAL A 64 -32.06 2.89 2.77
CA VAL A 64 -33.33 3.43 2.30
C VAL A 64 -33.28 3.84 0.83
N LYS A 65 -32.16 3.63 0.14
CA LYS A 65 -32.02 4.09 -1.23
C LYS A 65 -32.99 3.35 -2.14
N GLY A 66 -33.91 4.12 -2.75
CA GLY A 66 -34.95 3.59 -3.61
C GLY A 66 -36.33 3.64 -2.99
N ARG A 67 -36.41 3.55 -1.66
CA ARG A 67 -37.69 3.57 -0.96
C ARG A 67 -38.07 4.97 -0.51
N PHE A 68 -37.14 5.71 0.06
CA PHE A 68 -37.43 7.01 0.69
C PHE A 68 -37.18 8.15 -0.29
N THR A 69 -37.88 9.27 -0.05
CA THR A 69 -37.81 10.43 -0.92
C THR A 69 -37.86 11.69 -0.06
N ILE A 70 -36.82 12.52 -0.14
CA ILE A 70 -36.78 13.79 0.58
C ILE A 70 -37.11 14.93 -0.39
N SER A 71 -37.99 15.82 0.04
CA SER A 71 -38.41 16.96 -0.75
C SER A 71 -38.76 18.08 0.21
N ARG A 72 -38.71 19.32 -0.28
CA ARG A 72 -39.05 20.47 0.55
C ARG A 72 -40.06 21.36 -0.15
N ASP A 73 -40.58 22.33 0.61
CA ASP A 73 -41.59 23.29 0.18
C ASP A 73 -41.24 24.62 0.83
N ASN A 74 -40.34 25.38 0.18
CA ASN A 74 -39.86 26.62 0.77
C ASN A 74 -40.98 27.64 0.94
N ALA A 75 -41.96 27.64 0.04
CA ALA A 75 -43.16 28.45 0.25
C ALA A 75 -43.85 28.06 1.54
N LYS A 76 -43.86 26.78 1.87
CA LYS A 76 -44.55 26.27 3.05
C LYS A 76 -43.64 26.13 4.27
N ASN A 77 -42.34 26.43 4.13
CA ASN A 77 -41.42 26.48 5.27
C ASN A 77 -41.27 25.11 5.92
N THR A 78 -41.29 24.06 5.12
CA THR A 78 -41.24 22.71 5.69
C THR A 78 -40.64 21.74 4.68
N VAL A 79 -40.05 20.67 5.20
CA VAL A 79 -39.43 19.62 4.40
C VAL A 79 -40.04 18.29 4.81
N TYR A 80 -40.18 17.38 3.86
CA TYR A 80 -40.91 16.13 4.05
C TYR A 80 -39.99 14.93 3.85
N LEU A 81 -40.54 13.75 4.17
CA LEU A 81 -39.83 12.49 3.94
C LEU A 81 -40.88 11.43 3.62
N GLN A 82 -41.06 11.15 2.33
CA GLN A 82 -41.95 10.07 1.90
C GLN A 82 -41.26 8.73 2.08
N MET A 83 -41.92 7.82 2.79
CA MET A 83 -41.36 6.51 3.10
C MET A 83 -42.27 5.44 2.54
N ASN A 84 -41.75 4.66 1.59
CA ASN A 84 -42.49 3.57 0.97
C ASN A 84 -41.82 2.24 1.30
N SER A 85 -42.63 1.18 1.32
CA SER A 85 -42.15 -0.19 1.51
C SER A 85 -41.37 -0.33 2.83
N LEU A 86 -42.01 0.09 3.92
CA LEU A 86 -41.35 0.09 5.22
C LEU A 86 -41.06 -1.34 5.67
N LYS A 87 -39.95 -1.49 6.41
CA LYS A 87 -39.48 -2.75 6.94
C LYS A 87 -39.23 -2.60 8.43
N PRO A 88 -39.52 -3.65 9.25
CA PRO A 88 -39.29 -3.57 10.71
C PRO A 88 -37.99 -2.91 11.14
N ASP A 89 -36.96 -2.96 10.30
CA ASP A 89 -35.71 -2.25 10.62
C ASP A 89 -35.93 -0.75 10.71
N ASP A 90 -36.90 -0.22 9.95
CA ASP A 90 -37.12 1.22 9.89
C ASP A 90 -37.73 1.79 11.16
N THR A 91 -38.03 0.97 12.18
CA THR A 91 -38.50 1.50 13.46
C THR A 91 -37.42 2.38 14.08
N ALA A 92 -37.77 3.63 14.33
CA ALA A 92 -36.84 4.57 14.94
C ALA A 92 -37.60 5.85 15.28
N VAL A 93 -37.01 6.62 16.19
CA VAL A 93 -37.43 8.01 16.37
C VAL A 93 -36.73 8.85 15.32
N TYR A 94 -37.51 9.61 14.55
CA TYR A 94 -36.99 10.34 13.41
C TYR A 94 -36.79 11.80 13.79
N TYR A 95 -35.55 12.27 13.68
CA TYR A 95 -35.20 13.63 14.06
C TYR A 95 -35.03 14.49 12.81
N CYS A 96 -35.75 15.61 12.77
CA CYS A 96 -35.52 16.64 11.78
C CYS A 96 -34.37 17.53 12.22
N ALA A 97 -33.63 18.08 11.26
CA ALA A 97 -32.45 18.86 11.59
C ALA A 97 -32.16 19.86 10.47
N ALA A 98 -31.59 21.01 10.85
CA ALA A 98 -31.31 22.12 9.95
C ALA A 98 -29.81 22.44 9.96
N ALA A 99 -29.26 22.67 8.78
CA ALA A 99 -27.83 22.91 8.63
C ALA A 99 -27.49 24.37 8.95
N GLY A 100 -26.21 24.69 8.82
CA GLY A 100 -25.72 26.03 9.08
C GLY A 100 -25.34 26.78 7.81
N LEU A 101 -24.62 27.88 8.01
CA LEU A 101 -24.18 28.71 6.91
C LEU A 101 -23.14 27.96 6.07
N GLY A 102 -23.28 28.06 4.74
CA GLY A 102 -22.32 27.48 3.83
C GLY A 102 -22.39 25.99 3.63
N THR A 103 -23.32 25.30 4.30
CA THR A 103 -23.49 23.86 4.14
C THR A 103 -24.52 23.61 3.05
N VAL A 104 -24.06 23.16 1.88
CA VAL A 104 -24.98 22.81 0.81
C VAL A 104 -25.68 21.48 1.12
N VAL A 105 -24.89 20.42 1.35
CA VAL A 105 -25.42 19.14 1.83
C VAL A 105 -24.46 18.55 2.85
N SER A 106 -24.96 17.58 3.61
CA SER A 106 -24.14 16.89 4.59
C SER A 106 -24.89 15.67 5.10
N GLU A 107 -24.15 14.57 5.28
CA GLU A 107 -24.66 13.38 5.94
C GLU A 107 -24.18 13.29 7.39
N TRP A 108 -23.58 14.36 7.91
CA TRP A 108 -22.85 14.33 9.17
C TRP A 108 -23.61 15.09 10.24
N ASP A 109 -23.89 14.42 11.36
CA ASP A 109 -24.67 15.01 12.43
C ASP A 109 -24.04 16.25 13.03
N TYR A 110 -22.71 16.41 12.91
CA TYR A 110 -22.05 17.58 13.48
C TYR A 110 -22.20 18.84 12.62
N ASP A 111 -22.72 18.71 11.40
CA ASP A 111 -22.87 19.85 10.51
C ASP A 111 -24.26 20.46 10.56
N TYR A 112 -25.15 19.95 11.41
CA TYR A 112 -26.47 20.52 11.63
C TYR A 112 -26.52 21.15 13.02
N ASP A 113 -26.92 22.43 13.08
CA ASP A 113 -26.87 23.20 14.31
C ASP A 113 -28.13 23.10 15.16
N TYR A 114 -29.27 22.80 14.55
CA TYR A 114 -30.55 22.77 15.26
C TYR A 114 -31.23 21.42 15.03
N TRP A 115 -31.86 20.90 16.09
CA TRP A 115 -32.48 19.58 16.06
C TRP A 115 -33.89 19.65 16.64
N GLY A 116 -34.81 18.90 16.02
CA GLY A 116 -36.14 18.74 16.54
C GLY A 116 -36.21 17.62 17.57
N GLN A 117 -37.39 17.47 18.17
CA GLN A 117 -37.55 16.53 19.28
C GLN A 117 -37.71 15.10 18.82
N GLY A 118 -38.28 14.87 17.65
CA GLY A 118 -38.41 13.53 17.10
C GLY A 118 -39.84 13.01 17.17
N THR A 119 -40.23 12.26 16.13
CA THR A 119 -41.54 11.62 16.07
C THR A 119 -41.36 10.11 15.93
N GLN A 120 -42.16 9.36 16.68
CA GLN A 120 -42.03 7.91 16.67
C GLN A 120 -42.57 7.33 15.36
N VAL A 121 -41.87 6.32 14.85
CA VAL A 121 -42.32 5.55 13.70
C VAL A 121 -42.12 4.08 14.03
N THR A 122 -43.20 3.31 14.00
CA THR A 122 -43.16 1.90 14.35
C THR A 122 -43.76 1.08 13.21
N VAL A 123 -42.93 0.22 12.63
CA VAL A 123 -43.35 -0.74 11.62
C VAL A 123 -43.29 -2.12 12.25
N SER A 124 -44.41 -2.84 12.21
CA SER A 124 -44.49 -4.14 12.87
C SER A 124 -44.97 -5.23 11.94
N SER A 125 -44.58 -6.44 12.26
CA SER A 125 -44.70 -7.52 11.31
C SER A 125 -44.93 -8.84 12.03
N GLY A 126 -44.82 -9.93 11.24
CA GLY A 126 -45.40 -11.22 11.68
C GLY A 126 -44.37 -12.23 12.17
N SER A 127 -44.70 -12.93 13.27
CA SER A 127 -43.85 -13.78 14.00
C SER A 127 -44.47 -14.64 15.11
N THR B 1 -1.42 -37.75 -12.07
CA THR B 1 -0.04 -37.32 -11.87
C THR B 1 0.44 -37.67 -10.46
N ASN B 2 1.65 -38.24 -10.38
CA ASN B 2 2.25 -38.62 -9.10
C ASN B 2 3.35 -37.66 -8.66
N LEU B 3 3.64 -36.62 -9.44
CA LEU B 3 4.78 -35.76 -9.17
C LEU B 3 4.50 -34.77 -8.04
N CYS B 4 5.49 -34.58 -7.17
CA CYS B 4 5.43 -33.55 -6.14
C CYS B 4 5.06 -32.22 -6.80
N PRO B 5 4.10 -31.47 -6.24
CA PRO B 5 3.66 -30.25 -6.93
C PRO B 5 4.48 -29.03 -6.54
N PHE B 6 5.78 -29.07 -6.85
CA PHE B 6 6.64 -27.93 -6.56
C PHE B 6 6.27 -26.73 -7.42
N GLY B 7 5.76 -26.97 -8.63
CA GLY B 7 5.35 -25.88 -9.48
C GLY B 7 4.29 -25.01 -8.84
N GLU B 8 3.34 -25.63 -8.15
CA GLU B 8 2.32 -24.88 -7.42
C GLU B 8 2.89 -24.09 -6.27
N VAL B 9 4.11 -24.41 -5.81
CA VAL B 9 4.73 -23.63 -4.74
C VAL B 9 5.60 -22.54 -5.35
N PHE B 10 6.55 -22.92 -6.19
CA PHE B 10 7.51 -21.95 -6.72
C PHE B 10 6.88 -21.01 -7.73
N ASN B 11 5.88 -21.48 -8.47
CA ASN B 11 5.33 -20.72 -9.57
C ASN B 11 3.91 -20.21 -9.27
N ALA B 12 3.52 -20.18 -8.01
CA ALA B 12 2.23 -19.58 -7.66
C ALA B 12 2.21 -18.11 -8.05
N THR B 13 1.04 -17.64 -8.47
CA THR B 13 0.94 -16.27 -8.97
C THR B 13 1.17 -15.25 -7.87
N LYS B 14 0.42 -15.36 -6.78
CA LYS B 14 0.52 -14.46 -5.64
C LYS B 14 1.38 -15.10 -4.56
N PHE B 15 2.29 -14.32 -4.00
CA PHE B 15 3.09 -14.59 -2.82
C PHE B 15 2.71 -13.61 -1.72
N PRO B 16 2.78 -14.01 -0.46
CA PRO B 16 2.39 -13.14 0.64
C PRO B 16 3.57 -12.30 1.15
N SER B 17 3.24 -11.36 2.05
CA SER B 17 4.27 -10.61 2.74
C SER B 17 4.98 -11.51 3.75
N VAL B 18 6.21 -11.12 4.09
CA VAL B 18 7.03 -11.98 4.95
C VAL B 18 6.46 -12.07 6.36
N TYR B 19 5.83 -11.01 6.86
CA TYR B 19 5.25 -11.10 8.20
C TYR B 19 4.08 -12.07 8.24
N ALA B 20 3.41 -12.28 7.09
CA ALA B 20 2.32 -13.23 7.03
C ALA B 20 2.70 -14.40 6.11
N TRP B 21 3.91 -14.91 6.27
CA TRP B 21 4.42 -15.96 5.40
C TRP B 21 3.46 -17.16 5.39
N GLU B 22 3.38 -17.82 4.22
CA GLU B 22 2.54 -19.01 4.06
C GLU B 22 3.36 -20.27 4.30
N ARG B 23 2.65 -21.34 4.62
CA ARG B 23 3.28 -22.65 4.72
C ARG B 23 2.39 -23.69 4.06
N LYS B 24 2.95 -24.50 3.18
CA LYS B 24 2.26 -25.64 2.58
C LYS B 24 2.97 -26.94 2.97
N LYS B 25 2.22 -28.04 3.06
CA LYS B 25 2.79 -29.34 3.38
C LYS B 25 2.68 -30.26 2.17
N ILE B 26 3.79 -30.89 1.82
CA ILE B 26 3.87 -31.74 0.64
C ILE B 26 4.12 -33.18 1.08
N SER B 27 3.37 -34.12 0.51
CA SER B 27 3.34 -35.51 0.93
C SER B 27 2.99 -36.42 -0.25
N ASN B 28 3.27 -37.71 -0.07
CA ASN B 28 2.79 -38.77 -0.97
C ASN B 28 3.00 -38.41 -2.44
N CYS B 29 4.25 -38.13 -2.80
CA CYS B 29 4.53 -37.71 -4.16
C CYS B 29 5.95 -38.12 -4.51
N VAL B 30 6.25 -38.10 -5.81
CA VAL B 30 7.59 -38.39 -6.30
C VAL B 30 8.32 -37.07 -6.50
N ALA B 31 9.42 -36.89 -5.78
CA ALA B 31 10.19 -35.66 -5.86
C ALA B 31 11.13 -35.73 -7.06
N ASP B 32 10.96 -34.79 -7.99
CA ASP B 32 11.91 -34.61 -9.08
C ASP B 32 12.76 -33.39 -8.70
N TYR B 33 13.94 -33.65 -8.13
CA TYR B 33 14.81 -32.59 -7.67
C TYR B 33 15.59 -31.93 -8.81
N SER B 34 15.38 -32.38 -10.04
CA SER B 34 16.00 -31.75 -11.20
C SER B 34 15.44 -30.36 -11.45
N VAL B 35 14.26 -30.04 -10.92
CA VAL B 35 13.77 -28.67 -10.99
C VAL B 35 14.53 -27.75 -10.05
N LEU B 36 15.32 -28.31 -9.14
CA LEU B 36 16.18 -27.52 -8.26
C LEU B 36 17.65 -27.58 -8.66
N TYR B 37 18.10 -28.74 -9.14
CA TYR B 37 19.50 -29.00 -9.47
C TYR B 37 19.83 -28.78 -10.94
N ASN B 38 18.82 -28.62 -11.80
CA ASN B 38 19.04 -28.44 -13.23
C ASN B 38 18.21 -27.25 -13.67
N SER B 39 18.53 -26.11 -13.08
CA SER B 39 17.71 -24.91 -13.13
C SER B 39 18.54 -23.68 -13.51
N THR B 40 17.89 -22.75 -14.21
CA THR B 40 18.33 -21.38 -14.36
C THR B 40 17.36 -20.41 -13.71
N PHE B 41 16.51 -20.93 -12.82
CA PHE B 41 15.40 -20.20 -12.24
C PHE B 41 15.77 -19.50 -10.94
N PHE B 42 16.72 -20.06 -10.18
CA PHE B 42 17.04 -19.57 -8.85
C PHE B 42 18.36 -18.80 -8.87
N SER B 43 18.35 -17.63 -8.24
CA SER B 43 19.60 -16.91 -8.01
C SER B 43 20.27 -17.36 -6.72
N THR B 44 19.51 -17.80 -5.74
CA THR B 44 20.07 -18.22 -4.45
C THR B 44 19.47 -19.55 -4.03
N PHE B 45 20.33 -20.48 -3.61
CA PHE B 45 19.92 -21.84 -3.27
C PHE B 45 20.96 -22.37 -2.30
N LYS B 46 20.65 -22.29 -1.01
CA LYS B 46 21.56 -22.73 0.04
C LYS B 46 20.82 -23.70 0.95
N CYS B 47 21.53 -24.71 1.43
CA CYS B 47 20.96 -25.71 2.33
C CYS B 47 21.75 -25.74 3.63
N TYR B 48 21.07 -26.11 4.72
CA TYR B 48 21.65 -26.13 6.05
C TYR B 48 21.33 -27.46 6.73
N GLY B 49 22.31 -28.03 7.42
CA GLY B 49 22.13 -29.32 8.06
C GLY B 49 22.22 -30.46 7.07
N VAL B 50 21.19 -30.63 6.24
CA VAL B 50 21.28 -31.52 5.09
C VAL B 50 22.44 -31.08 4.21
N SER B 51 23.04 -32.05 3.52
CA SER B 51 24.02 -31.73 2.49
C SER B 51 23.29 -31.38 1.21
N ALA B 52 23.53 -30.17 0.69
CA ALA B 52 22.75 -29.64 -0.42
C ALA B 52 22.73 -30.56 -1.64
N THR B 53 23.81 -31.31 -1.86
CA THR B 53 23.92 -32.16 -3.02
C THR B 53 23.26 -33.53 -2.84
N LYS B 54 22.47 -33.73 -1.79
CA LYS B 54 22.02 -35.06 -1.38
C LYS B 54 20.55 -35.03 -0.95
N LEU B 55 19.72 -34.22 -1.60
CA LEU B 55 18.37 -34.01 -1.09
C LEU B 55 17.48 -35.25 -1.20
N ASN B 56 17.82 -36.22 -2.04
CA ASN B 56 16.98 -37.39 -2.19
C ASN B 56 16.91 -38.24 -0.92
N ASP B 57 17.85 -38.06 0.01
CA ASP B 57 17.88 -38.87 1.22
C ASP B 57 16.76 -38.52 2.20
N LEU B 58 16.07 -37.39 2.02
CA LEU B 58 14.99 -37.01 2.92
C LEU B 58 13.66 -37.57 2.44
N CYS B 59 13.70 -38.71 1.75
CA CYS B 59 12.49 -39.41 1.33
C CYS B 59 11.54 -39.63 2.49
N PHE B 60 12.04 -40.28 3.54
CA PHE B 60 11.20 -40.73 4.64
C PHE B 60 10.26 -39.67 5.19
N SER B 61 10.56 -38.39 4.97
CA SER B 61 9.97 -37.33 5.76
C SER B 61 8.74 -36.73 5.07
N ASN B 62 8.27 -35.60 5.59
CA ASN B 62 7.37 -34.67 4.91
C ASN B 62 8.12 -33.36 4.77
N VAL B 63 7.78 -32.58 3.74
CA VAL B 63 8.43 -31.29 3.51
C VAL B 63 7.40 -30.19 3.74
N TYR B 64 7.86 -29.11 4.37
CA TYR B 64 7.11 -27.88 4.54
C TYR B 64 7.73 -26.81 3.65
N ALA B 65 6.90 -26.16 2.85
CA ALA B 65 7.34 -25.10 1.96
C ALA B 65 6.80 -23.79 2.51
N ASP B 66 7.71 -22.90 2.92
CA ASP B 66 7.33 -21.58 3.40
C ASP B 66 7.63 -20.55 2.31
N SER B 67 6.67 -19.66 2.08
CA SER B 67 6.72 -18.69 0.97
C SER B 67 6.58 -17.26 1.47
N PHE B 68 7.29 -16.32 0.85
CA PHE B 68 7.15 -14.90 1.17
C PHE B 68 8.05 -14.06 0.26
N VAL B 69 7.85 -12.75 0.32
CA VAL B 69 8.63 -11.78 -0.46
C VAL B 69 9.46 -10.95 0.50
N VAL B 70 10.75 -10.79 0.18
CA VAL B 70 11.59 -9.79 0.84
C VAL B 70 12.40 -9.06 -0.23
N LYS B 71 12.96 -7.91 0.16
CA LYS B 71 13.87 -7.22 -0.74
C LYS B 71 15.23 -7.92 -0.75
N GLY B 72 15.96 -7.74 -1.84
CA GLY B 72 17.23 -8.40 -2.07
C GLY B 72 18.15 -8.43 -0.87
N ASP B 73 18.40 -7.27 -0.26
CA ASP B 73 19.34 -7.20 0.86
C ASP B 73 18.85 -7.98 2.08
N ASP B 74 17.55 -8.28 2.16
CA ASP B 74 17.00 -9.05 3.27
C ASP B 74 17.09 -10.56 3.06
N VAL B 75 17.34 -11.02 1.83
CA VAL B 75 17.52 -12.44 1.56
C VAL B 75 18.57 -13.02 2.50
N ARG B 76 19.58 -12.22 2.85
CA ARG B 76 20.66 -12.69 3.70
C ARG B 76 20.18 -13.07 5.09
N GLN B 77 19.08 -12.47 5.54
CA GLN B 77 18.55 -12.75 6.87
C GLN B 77 17.76 -14.06 6.94
N ILE B 78 17.43 -14.67 5.80
CA ILE B 78 16.74 -15.96 5.82
C ILE B 78 17.76 -17.06 5.98
N ALA B 79 18.27 -17.23 7.21
CA ALA B 79 19.33 -18.18 7.50
C ALA B 79 19.45 -18.35 9.01
N PRO B 80 19.92 -19.52 9.48
CA PRO B 80 20.15 -19.69 10.93
C PRO B 80 21.13 -18.67 11.47
N GLY B 81 20.87 -18.21 12.70
CA GLY B 81 21.81 -17.35 13.39
C GLY B 81 21.94 -15.96 12.83
N GLN B 82 20.91 -15.48 12.13
CA GLN B 82 20.90 -14.14 11.58
C GLN B 82 20.12 -13.20 12.48
N THR B 83 20.56 -11.95 12.54
CA THR B 83 19.84 -10.90 13.25
C THR B 83 19.44 -9.81 12.26
N GLY B 84 18.66 -8.86 12.75
CA GLY B 84 17.99 -7.89 11.90
C GLY B 84 16.49 -8.02 11.99
N VAL B 85 15.82 -7.08 11.32
CA VAL B 85 14.38 -6.94 11.53
C VAL B 85 13.60 -8.12 10.96
N ILE B 86 14.08 -8.74 9.88
CA ILE B 86 13.33 -9.83 9.28
C ILE B 86 13.47 -11.10 10.13
N ALA B 87 14.69 -11.45 10.50
CA ALA B 87 14.90 -12.65 11.32
C ALA B 87 14.35 -12.47 12.73
N ASP B 88 14.35 -11.26 13.27
CA ASP B 88 13.93 -11.09 14.66
C ASP B 88 12.42 -11.00 14.79
N TYR B 89 11.74 -10.36 13.83
CA TYR B 89 10.33 -10.03 13.99
C TYR B 89 9.41 -10.62 12.93
N ASN B 90 9.95 -11.25 11.88
CA ASN B 90 9.13 -11.69 10.75
C ASN B 90 9.21 -13.19 10.50
N TYR B 91 10.38 -13.72 10.18
CA TYR B 91 10.55 -15.13 9.88
C TYR B 91 11.91 -15.54 10.43
N LYS B 92 11.90 -16.46 11.40
CA LYS B 92 13.10 -16.86 12.13
C LYS B 92 13.31 -18.37 11.99
N LEU B 93 14.52 -18.75 11.62
CA LEU B 93 15.01 -20.11 11.44
C LEU B 93 15.74 -20.58 12.68
N PRO B 94 15.58 -21.85 13.06
CA PRO B 94 16.29 -22.36 14.23
C PRO B 94 17.78 -22.52 13.94
N ASP B 95 18.58 -22.45 15.02
CA ASP B 95 20.02 -22.67 14.88
C ASP B 95 20.32 -24.02 14.26
N ASP B 96 19.49 -25.02 14.54
CA ASP B 96 19.69 -26.39 14.09
C ASP B 96 18.92 -26.70 12.81
N PHE B 97 18.66 -25.68 12.01
CA PHE B 97 17.77 -25.81 10.86
C PHE B 97 18.27 -26.89 9.90
N MET B 98 17.32 -27.67 9.38
CA MET B 98 17.58 -28.73 8.42
C MET B 98 16.68 -28.47 7.22
N GLY B 99 17.25 -27.97 6.14
CA GLY B 99 16.46 -27.61 4.98
C GLY B 99 17.19 -26.61 4.10
N CYS B 100 16.45 -26.07 3.12
CA CYS B 100 17.03 -25.24 2.08
C CYS B 100 16.24 -23.95 1.90
N VAL B 101 16.95 -22.91 1.48
CA VAL B 101 16.36 -21.60 1.19
C VAL B 101 16.59 -21.33 -0.29
N LEU B 102 15.52 -21.04 -1.02
CA LEU B 102 15.61 -20.70 -2.43
C LEU B 102 15.02 -19.31 -2.64
N ALA B 103 15.66 -18.52 -3.50
CA ALA B 103 15.24 -17.14 -3.73
C ALA B 103 15.51 -16.74 -5.16
N TRP B 104 14.60 -15.96 -5.74
CA TRP B 104 14.80 -15.47 -7.10
C TRP B 104 14.23 -14.07 -7.26
N ASN B 105 14.85 -13.33 -8.17
CA ASN B 105 14.52 -11.93 -8.41
C ASN B 105 13.19 -11.83 -9.15
N THR B 106 12.26 -11.04 -8.62
CA THR B 106 10.95 -10.86 -9.24
C THR B 106 10.65 -9.39 -9.53
N ARG B 107 11.68 -8.64 -9.89
CA ARG B 107 11.46 -7.25 -10.30
C ARG B 107 10.39 -7.15 -11.38
N ASN B 108 10.44 -8.04 -12.37
CA ASN B 108 9.52 -8.00 -13.50
C ASN B 108 8.08 -8.27 -13.11
N ILE B 109 7.82 -8.82 -11.92
CA ILE B 109 6.43 -9.09 -11.53
C ILE B 109 6.06 -8.52 -10.18
N ASP B 110 6.99 -8.19 -9.30
CA ASP B 110 6.63 -7.64 -8.00
C ASP B 110 7.00 -6.16 -7.84
N ALA B 111 7.75 -5.58 -8.79
CA ALA B 111 8.09 -4.16 -8.77
C ALA B 111 7.42 -3.47 -9.96
N THR B 112 7.04 -2.21 -9.76
CA THR B 112 6.44 -1.41 -10.82
C THR B 112 7.16 -0.08 -10.94
N SER B 113 6.96 0.59 -12.07
CA SER B 113 7.66 1.85 -12.33
C SER B 113 7.23 2.93 -11.34
N THR B 114 5.96 2.95 -10.94
CA THR B 114 5.49 3.90 -9.94
C THR B 114 5.67 3.40 -8.51
N GLY B 115 6.07 2.15 -8.31
CA GLY B 115 6.30 1.64 -6.98
C GLY B 115 5.21 0.73 -6.45
N ASN B 116 5.58 -0.51 -6.12
CA ASN B 116 4.66 -1.48 -5.55
C ASN B 116 4.87 -1.49 -4.03
N TYR B 117 3.87 -0.98 -3.31
CA TYR B 117 3.89 -0.95 -1.85
C TYR B 117 2.99 -2.02 -1.22
N ASN B 118 2.65 -3.08 -1.97
CA ASN B 118 1.72 -4.09 -1.47
C ASN B 118 2.37 -5.06 -0.47
N TYR B 119 3.68 -5.24 -0.54
CA TYR B 119 4.39 -6.09 0.42
C TYR B 119 4.88 -5.30 1.63
N LYS B 120 4.73 -5.91 2.80
CA LYS B 120 5.01 -5.28 4.09
C LYS B 120 5.89 -6.18 4.95
N TYR B 121 6.37 -5.63 6.06
CA TYR B 121 7.19 -6.36 7.02
C TYR B 121 7.07 -5.68 8.37
N ARG B 122 7.19 -6.47 9.43
CA ARG B 122 7.11 -5.95 10.79
C ARG B 122 8.47 -5.39 11.19
N TYR B 123 8.47 -4.19 11.79
CA TYR B 123 9.73 -3.62 12.24
C TYR B 123 9.72 -3.25 13.72
N LEU B 124 8.57 -3.32 14.39
CA LEU B 124 8.47 -3.11 15.83
C LEU B 124 7.81 -4.32 16.46
N ARG B 125 8.34 -4.77 17.61
CA ARG B 125 7.75 -5.91 18.30
C ARG B 125 8.36 -6.04 19.68
N HIS B 126 7.56 -6.47 20.65
CA HIS B 126 8.04 -6.74 22.01
C HIS B 126 8.51 -8.18 22.09
N GLY B 127 9.82 -8.37 22.02
CA GLY B 127 10.47 -9.67 22.03
C GLY B 127 10.62 -10.22 20.62
N LYS B 128 11.69 -10.99 20.43
CA LYS B 128 11.95 -11.58 19.13
C LYS B 128 11.09 -12.83 18.94
N LEU B 129 10.90 -13.22 17.68
CA LEU B 129 10.14 -14.42 17.40
C LEU B 129 10.95 -15.65 17.80
N ARG B 130 10.24 -16.69 18.19
CA ARG B 130 10.86 -17.99 18.27
C ARG B 130 10.86 -18.62 16.87
N PRO B 131 11.75 -19.59 16.63
CA PRO B 131 11.82 -20.19 15.29
C PRO B 131 10.46 -20.68 14.82
N PHE B 132 10.10 -20.30 13.58
CA PHE B 132 8.85 -20.68 12.92
C PHE B 132 7.61 -20.09 13.58
N GLU B 133 7.78 -19.18 14.54
CA GLU B 133 6.62 -18.49 15.07
C GLU B 133 6.13 -17.45 14.07
N ARG B 134 4.82 -17.23 14.05
CA ARG B 134 4.20 -16.35 13.08
C ARG B 134 3.33 -15.34 13.78
N ASP B 135 3.44 -14.07 13.38
CA ASP B 135 2.70 -12.96 13.98
C ASP B 135 2.10 -12.14 12.85
N ILE B 136 0.77 -12.10 12.75
CA ILE B 136 0.09 -11.33 11.72
C ILE B 136 -0.78 -10.23 12.31
N SER B 137 -0.63 -9.95 13.61
CA SER B 137 -1.38 -8.89 14.23
C SER B 137 -0.87 -7.53 13.77
N ASN B 138 -1.75 -6.53 13.88
CA ASN B 138 -1.44 -5.16 13.52
C ASN B 138 -1.99 -4.25 14.62
N VAL B 139 -1.35 -4.30 15.79
CA VAL B 139 -1.80 -3.49 16.92
C VAL B 139 -0.78 -2.40 17.19
N PRO B 140 -1.20 -1.21 17.58
CA PRO B 140 -0.25 -0.12 17.86
C PRO B 140 0.76 -0.52 18.93
N PHE B 141 2.00 -0.11 18.71
CA PHE B 141 3.15 -0.50 19.51
C PHE B 141 3.62 0.69 20.35
N SER B 142 3.98 0.42 21.61
CA SER B 142 4.54 1.45 22.48
C SER B 142 5.78 0.89 23.17
N PRO B 143 6.89 1.63 23.18
CA PRO B 143 8.16 1.07 23.67
C PRO B 143 8.20 0.83 25.17
N ASP B 144 7.16 1.22 25.91
CA ASP B 144 7.09 0.91 27.33
C ASP B 144 6.63 -0.51 27.61
N GLY B 145 6.21 -1.25 26.58
CA GLY B 145 5.63 -2.57 26.75
C GLY B 145 4.15 -2.57 27.08
N LYS B 146 3.56 -1.42 27.35
CA LYS B 146 2.16 -1.30 27.74
C LYS B 146 1.28 -1.09 26.52
N PRO B 147 -0.04 -1.24 26.66
CA PRO B 147 -0.92 -1.00 25.50
C PRO B 147 -1.02 0.48 25.16
N CYS B 148 -1.17 0.74 23.86
CA CYS B 148 -1.31 2.10 23.37
C CYS B 148 -2.53 2.21 22.46
N THR B 149 -2.99 3.46 22.27
CA THR B 149 -4.05 3.77 21.31
C THR B 149 -3.77 5.10 20.61
N PRO B 150 -3.63 5.10 19.29
CA PRO B 150 -3.33 6.35 18.58
C PRO B 150 -4.60 7.17 18.38
N PRO B 151 -4.49 8.45 18.00
CA PRO B 151 -3.33 9.31 17.69
C PRO B 151 -2.47 9.77 18.88
N ALA B 152 -2.47 9.03 19.99
CA ALA B 152 -1.64 9.39 21.13
C ALA B 152 -0.16 9.42 20.76
N LEU B 153 0.60 10.25 21.47
CA LEU B 153 2.03 10.31 21.24
C LEU B 153 2.71 9.06 21.79
N ASN B 154 3.94 8.83 21.32
CA ASN B 154 4.73 7.66 21.72
C ASN B 154 4.03 6.36 21.32
N CYS B 155 3.42 6.37 20.14
CA CYS B 155 2.60 5.25 19.67
C CYS B 155 2.82 5.07 18.18
N TYR B 156 3.23 3.88 17.78
CA TYR B 156 3.68 3.66 16.42
C TYR B 156 3.04 2.39 15.86
N TRP B 157 2.78 2.43 14.56
CA TRP B 157 2.32 1.26 13.84
C TRP B 157 3.49 0.32 13.55
N PRO B 158 3.30 -1.00 13.74
CA PRO B 158 4.44 -1.92 13.69
C PRO B 158 4.85 -2.42 12.31
N LEU B 159 4.01 -2.26 11.30
CA LEU B 159 4.34 -2.73 9.97
C LEU B 159 4.77 -1.58 9.08
N ASN B 160 5.74 -1.83 8.20
CA ASN B 160 6.17 -0.85 7.21
C ASN B 160 6.11 -1.47 5.82
N ASP B 161 5.90 -0.63 4.81
CA ASP B 161 5.80 -1.09 3.43
C ASP B 161 7.19 -1.19 2.81
N TYR B 162 7.42 -2.28 2.09
CA TYR B 162 8.46 -2.29 1.07
C TYR B 162 8.00 -1.40 -0.08
N GLY B 163 8.93 -0.66 -0.67
CA GLY B 163 8.65 0.09 -1.88
C GLY B 163 9.46 -0.51 -3.01
N PHE B 164 8.80 -1.17 -3.95
CA PHE B 164 9.47 -1.94 -4.99
C PHE B 164 9.29 -1.21 -6.32
N TYR B 165 10.39 -0.64 -6.82
CA TYR B 165 10.43 0.08 -8.08
C TYR B 165 11.28 -0.66 -9.09
N THR B 166 10.93 -0.51 -10.37
CA THR B 166 11.65 -1.23 -11.41
C THR B 166 13.10 -0.75 -11.56
N THR B 167 13.39 0.50 -11.21
CA THR B 167 14.65 1.17 -11.53
C THR B 167 15.68 1.14 -10.40
N THR B 168 15.38 0.51 -9.28
CA THR B 168 16.32 0.40 -8.16
C THR B 168 17.43 -0.59 -8.48
N GLY B 169 18.46 -0.59 -7.62
CA GLY B 169 19.49 -1.60 -7.67
C GLY B 169 18.98 -2.94 -7.13
N ILE B 170 19.83 -3.97 -7.27
CA ILE B 170 19.43 -5.33 -6.93
C ILE B 170 19.07 -5.45 -5.45
N GLY B 171 19.72 -4.66 -4.60
CA GLY B 171 19.52 -4.78 -3.16
C GLY B 171 18.12 -4.41 -2.71
N TYR B 172 17.47 -3.48 -3.40
CA TYR B 172 16.11 -3.08 -3.04
C TYR B 172 15.03 -3.69 -3.93
N GLN B 173 15.41 -4.55 -4.87
CA GLN B 173 14.43 -5.19 -5.74
C GLN B 173 13.73 -6.33 -5.00
N PRO B 174 12.53 -6.70 -5.43
CA PRO B 174 11.78 -7.76 -4.75
C PRO B 174 12.30 -9.17 -5.06
N TYR B 175 12.28 -10.03 -4.05
CA TYR B 175 12.67 -11.43 -4.21
C TYR B 175 11.61 -12.34 -3.60
N ARG B 176 11.20 -13.35 -4.35
CA ARG B 176 10.33 -14.38 -3.82
C ARG B 176 11.19 -15.47 -3.19
N VAL B 177 10.80 -15.92 -2.00
CA VAL B 177 11.61 -16.85 -1.21
C VAL B 177 10.75 -18.07 -0.88
N VAL B 178 11.36 -19.24 -0.99
CA VAL B 178 10.72 -20.48 -0.56
C VAL B 178 11.71 -21.22 0.34
N VAL B 179 11.28 -21.51 1.57
CA VAL B 179 12.07 -22.23 2.55
C VAL B 179 11.48 -23.63 2.70
N LEU B 180 12.29 -24.65 2.38
CA LEU B 180 11.91 -26.05 2.51
C LEU B 180 12.51 -26.63 3.79
N SER B 181 11.66 -27.15 4.67
CA SER B 181 12.10 -27.85 5.87
C SER B 181 11.47 -29.23 5.92
N PHE B 182 11.98 -30.07 6.81
CA PHE B 182 11.65 -31.50 6.80
C PHE B 182 11.16 -31.98 8.15
N GLU B 183 10.05 -32.72 8.14
CA GLU B 183 9.58 -33.41 9.32
C GLU B 183 10.68 -34.31 9.87
N GLY B 184 11.00 -34.11 11.15
CA GLY B 184 12.12 -34.78 11.81
C GLY B 184 12.30 -36.26 11.52
N GLN C 1 43.88 -22.02 2.29
CA GLN C 1 44.95 -22.14 1.30
C GLN C 1 44.36 -22.20 -0.11
N VAL C 2 43.08 -21.86 -0.23
CA VAL C 2 42.43 -21.79 -1.54
C VAL C 2 43.03 -20.65 -2.36
N GLN C 3 43.24 -20.91 -3.64
CA GLN C 3 43.81 -19.92 -4.55
C GLN C 3 43.05 -19.95 -5.87
N LEU C 4 42.69 -18.77 -6.37
CA LEU C 4 41.98 -18.61 -7.64
C LEU C 4 42.78 -17.69 -8.56
N GLN C 5 42.93 -18.09 -9.83
CA GLN C 5 43.72 -17.33 -10.79
C GLN C 5 42.94 -17.15 -12.09
N GLU C 6 42.50 -15.93 -12.38
CA GLU C 6 41.78 -15.64 -13.62
C GLU C 6 42.76 -15.51 -14.79
N SER C 7 42.23 -15.61 -16.01
CA SER C 7 43.01 -15.39 -17.23
C SER C 7 42.07 -15.26 -18.42
N GLY C 8 42.64 -14.87 -19.56
CA GLY C 8 41.94 -14.79 -20.83
C GLY C 8 41.41 -13.41 -21.19
N GLY C 9 41.59 -12.41 -20.33
CA GLY C 9 41.08 -11.09 -20.60
C GLY C 9 41.96 -10.30 -21.56
N GLY C 10 41.40 -9.21 -22.07
CA GLY C 10 42.16 -8.36 -22.99
C GLY C 10 41.26 -7.38 -23.71
N LEU C 11 41.76 -6.93 -24.87
CA LEU C 11 41.08 -5.93 -25.68
C LEU C 11 40.33 -6.59 -26.82
N VAL C 12 39.04 -6.25 -26.96
CA VAL C 12 38.17 -6.81 -27.98
C VAL C 12 37.26 -5.71 -28.48
N GLN C 13 36.86 -5.80 -29.75
CA GLN C 13 36.00 -4.79 -30.33
C GLN C 13 34.53 -5.14 -30.11
N ALA C 14 33.69 -4.11 -30.11
CA ALA C 14 32.27 -4.28 -29.86
C ALA C 14 31.68 -5.32 -30.81
N GLY C 15 30.88 -6.23 -30.26
CA GLY C 15 30.32 -7.33 -31.02
C GLY C 15 31.16 -8.59 -31.02
N GLY C 16 32.39 -8.53 -30.51
CA GLY C 16 33.29 -9.67 -30.54
C GLY C 16 33.00 -10.67 -29.43
N SER C 17 33.92 -11.62 -29.28
CA SER C 17 33.80 -12.70 -28.31
C SER C 17 35.09 -12.82 -27.49
N LEU C 18 34.98 -13.47 -26.34
CA LEU C 18 36.09 -13.65 -25.43
C LEU C 18 35.72 -14.74 -24.44
N ARG C 19 36.72 -15.53 -24.03
CA ARG C 19 36.52 -16.64 -23.11
C ARG C 19 37.46 -16.50 -21.92
N LEU C 20 36.90 -16.33 -20.74
CA LEU C 20 37.70 -16.23 -19.53
C LEU C 20 37.78 -17.60 -18.85
N SER C 21 38.92 -17.85 -18.20
CA SER C 21 39.11 -19.05 -17.41
C SER C 21 39.60 -18.66 -16.02
N CYS C 22 39.34 -19.54 -15.07
CA CYS C 22 39.76 -19.34 -13.69
C CYS C 22 40.11 -20.69 -13.08
N ALA C 23 41.36 -20.82 -12.64
CA ALA C 23 41.86 -22.08 -12.11
C ALA C 23 41.92 -22.02 -10.60
N ALA C 24 41.46 -23.09 -9.95
CA ALA C 24 41.36 -23.12 -8.50
C ALA C 24 42.27 -24.20 -7.90
N SER C 25 42.66 -23.98 -6.65
CA SER C 25 43.50 -24.91 -5.91
C SER C 25 43.14 -24.82 -4.43
N GLY C 26 43.61 -25.79 -3.66
CA GLY C 26 43.55 -25.71 -2.20
C GLY C 26 42.47 -26.54 -1.54
N ARG C 27 41.50 -27.05 -2.28
CA ARG C 27 40.48 -27.95 -1.73
C ARG C 27 39.90 -28.76 -2.88
N THR C 28 38.75 -29.39 -2.64
CA THR C 28 38.08 -30.21 -3.65
C THR C 28 37.23 -29.30 -4.52
N PHE C 29 37.69 -29.04 -5.75
CA PHE C 29 37.03 -28.10 -6.64
C PHE C 29 35.60 -28.50 -6.95
N SER C 30 35.36 -29.80 -7.17
CA SER C 30 34.06 -30.27 -7.59
C SER C 30 33.00 -30.20 -6.49
N GLU C 31 33.36 -29.83 -5.27
CA GLU C 31 32.39 -29.78 -4.18
C GLU C 31 31.76 -28.41 -3.99
N TYR C 32 32.16 -27.40 -4.76
CA TYR C 32 31.74 -26.03 -4.48
C TYR C 32 31.22 -25.35 -5.74
N ALA C 33 30.23 -24.48 -5.53
CA ALA C 33 29.79 -23.55 -6.56
C ALA C 33 30.85 -22.49 -6.82
N MET C 34 30.80 -21.91 -8.02
CA MET C 34 31.72 -20.86 -8.46
C MET C 34 30.92 -19.69 -9.00
N GLY C 35 31.57 -18.53 -9.11
CA GLY C 35 30.88 -17.34 -9.55
C GLY C 35 31.80 -16.39 -10.28
N TRP C 36 31.22 -15.62 -11.19
CA TRP C 36 31.93 -14.52 -11.83
C TRP C 36 31.28 -13.22 -11.41
N PHE C 37 32.12 -12.23 -11.12
CA PHE C 37 31.70 -10.87 -10.79
C PHE C 37 32.57 -9.91 -11.60
N ARG C 38 32.11 -8.67 -11.71
CA ARG C 38 32.87 -7.69 -12.50
C ARG C 38 32.72 -6.31 -11.90
N GLN C 39 33.70 -5.46 -12.18
CA GLN C 39 33.73 -4.12 -11.63
C GLN C 39 34.24 -3.14 -12.69
N ALA C 40 33.36 -2.26 -13.14
CA ALA C 40 33.67 -1.22 -14.09
C ALA C 40 34.36 -0.04 -13.38
N PRO C 41 35.14 0.77 -14.10
CA PRO C 41 35.92 1.83 -13.44
C PRO C 41 35.04 2.79 -12.67
N GLY C 42 35.41 3.05 -11.42
CA GLY C 42 34.65 3.95 -10.56
C GLY C 42 33.24 3.49 -10.23
N LYS C 43 32.90 2.27 -10.62
CA LYS C 43 31.65 1.62 -10.25
C LYS C 43 31.91 0.55 -9.21
N GLU C 44 30.86 0.12 -8.53
CA GLU C 44 31.09 -0.92 -7.54
C GLU C 44 30.87 -2.30 -8.14
N ARG C 45 31.44 -3.31 -7.48
CA ARG C 45 31.43 -4.67 -8.00
C ARG C 45 30.02 -5.22 -8.11
N GLU C 46 29.74 -5.94 -9.20
CA GLU C 46 28.42 -6.52 -9.42
C GLU C 46 28.56 -7.98 -9.82
N PHE C 47 27.46 -8.71 -9.66
CA PHE C 47 27.35 -10.12 -10.01
C PHE C 47 27.16 -10.29 -11.51
N VAL C 48 27.73 -11.38 -12.05
CA VAL C 48 27.63 -11.71 -13.47
C VAL C 48 26.93 -13.05 -13.67
N ALA C 49 27.53 -14.13 -13.15
CA ALA C 49 27.03 -15.47 -13.37
C ALA C 49 27.52 -16.37 -12.26
N THR C 50 26.73 -17.41 -11.96
CA THR C 50 27.07 -18.42 -10.96
C THR C 50 26.72 -19.81 -11.51
N ILE C 51 27.46 -20.82 -11.03
CA ILE C 51 27.31 -22.19 -11.49
C ILE C 51 27.50 -23.13 -10.31
N SER C 52 26.71 -24.21 -10.26
CA SER C 52 26.73 -25.15 -9.15
C SER C 52 27.87 -26.14 -9.28
N TRP C 53 28.05 -26.95 -8.22
CA TRP C 53 29.18 -27.87 -8.16
C TRP C 53 29.24 -28.75 -9.41
N SER C 54 28.09 -29.16 -9.93
CA SER C 54 28.01 -30.09 -11.05
C SER C 54 27.90 -29.41 -12.41
N GLY C 55 27.71 -28.09 -12.45
CA GLY C 55 27.31 -27.44 -13.68
C GLY C 55 25.84 -27.53 -14.00
N GLY C 56 25.06 -28.28 -13.20
CA GLY C 56 23.65 -28.47 -13.52
C GLY C 56 22.82 -27.21 -13.38
N SER C 57 23.19 -26.33 -12.46
CA SER C 57 22.43 -25.12 -12.19
C SER C 57 23.30 -23.90 -12.43
N THR C 58 22.73 -22.92 -13.13
CA THR C 58 23.40 -21.66 -13.43
C THR C 58 22.41 -20.52 -13.23
N TYR C 59 22.94 -19.30 -13.14
CA TYR C 59 22.11 -18.11 -13.05
C TYR C 59 22.93 -16.91 -13.55
N TYR C 60 22.27 -15.99 -14.24
CA TYR C 60 22.96 -14.87 -14.88
C TYR C 60 22.30 -13.55 -14.53
N THR C 61 23.13 -12.52 -14.38
CA THR C 61 22.59 -11.18 -14.23
C THR C 61 21.85 -10.78 -15.49
N ASP C 62 20.83 -9.94 -15.32
CA ASP C 62 19.90 -9.68 -16.42
C ASP C 62 20.62 -9.18 -17.67
N SER C 63 21.64 -8.32 -17.51
CA SER C 63 22.25 -7.66 -18.66
C SER C 63 23.11 -8.57 -19.52
N VAL C 64 23.37 -9.80 -19.08
CA VAL C 64 24.18 -10.72 -19.87
C VAL C 64 23.41 -11.95 -20.32
N LYS C 65 22.19 -12.16 -19.82
CA LYS C 65 21.45 -13.37 -20.13
C LYS C 65 21.18 -13.48 -21.63
N GLY C 66 21.58 -14.61 -22.22
CA GLY C 66 21.54 -14.79 -23.65
C GLY C 66 22.85 -14.51 -24.35
N ARG C 67 23.72 -13.70 -23.74
CA ARG C 67 25.02 -13.34 -24.30
C ARG C 67 26.18 -14.11 -23.68
N PHE C 68 26.16 -14.31 -22.37
CA PHE C 68 27.25 -14.97 -21.65
C PHE C 68 26.82 -16.38 -21.27
N THR C 69 27.81 -17.27 -21.14
CA THR C 69 27.58 -18.64 -20.70
C THR C 69 28.67 -19.03 -19.71
N ILE C 70 28.28 -19.37 -18.49
CA ILE C 70 29.21 -19.91 -17.51
C ILE C 70 29.19 -21.43 -17.59
N SER C 71 30.37 -22.05 -17.49
CA SER C 71 30.51 -23.50 -17.46
C SER C 71 31.78 -23.84 -16.67
N ARG C 72 31.98 -25.13 -16.45
CA ARG C 72 33.11 -25.59 -15.66
C ARG C 72 33.55 -26.97 -16.12
N ASP C 73 34.81 -27.28 -15.84
CA ASP C 73 35.42 -28.56 -16.18
C ASP C 73 36.05 -29.10 -14.89
N ASN C 74 35.28 -29.91 -14.16
CA ASN C 74 35.73 -30.40 -12.86
C ASN C 74 36.98 -31.27 -12.94
N ALA C 75 37.34 -31.77 -14.12
CA ALA C 75 38.55 -32.55 -14.28
C ALA C 75 39.80 -31.68 -14.43
N LYS C 76 39.64 -30.37 -14.59
CA LYS C 76 40.77 -29.44 -14.70
C LYS C 76 40.72 -28.33 -13.65
N ASN C 77 39.76 -28.36 -12.72
CA ASN C 77 39.65 -27.40 -11.63
C ASN C 77 39.51 -25.97 -12.15
N THR C 78 38.82 -25.81 -13.28
CA THR C 78 38.67 -24.50 -13.91
C THR C 78 37.22 -24.20 -14.24
N VAL C 79 36.86 -22.92 -14.12
CA VAL C 79 35.53 -22.44 -14.50
C VAL C 79 35.71 -21.45 -15.65
N TYR C 80 34.70 -21.34 -16.51
CA TYR C 80 34.77 -20.59 -17.75
C TYR C 80 33.64 -19.57 -17.83
N LEU C 81 33.91 -18.47 -18.54
CA LEU C 81 32.89 -17.47 -18.87
C LEU C 81 33.02 -17.15 -20.36
N GLN C 82 32.16 -17.74 -21.17
CA GLN C 82 32.10 -17.43 -22.60
C GLN C 82 31.30 -16.16 -22.81
N MET C 83 31.95 -15.11 -23.34
CA MET C 83 31.36 -13.78 -23.46
C MET C 83 31.18 -13.45 -24.94
N ASN C 84 29.93 -13.44 -25.39
CA ASN C 84 29.59 -13.15 -26.78
C ASN C 84 28.89 -11.82 -26.91
N SER C 85 28.85 -11.30 -28.14
CA SER C 85 28.15 -10.06 -28.48
C SER C 85 28.47 -8.95 -27.48
N LEU C 86 29.76 -8.73 -27.24
CA LEU C 86 30.16 -7.81 -26.19
C LEU C 86 29.86 -6.36 -26.59
N LYS C 87 29.56 -5.57 -25.57
CA LYS C 87 29.27 -4.14 -25.68
C LYS C 87 30.27 -3.35 -24.85
N PRO C 88 30.45 -2.05 -25.13
CA PRO C 88 31.33 -1.24 -24.28
C PRO C 88 30.94 -1.29 -22.80
N ASP C 89 29.66 -1.54 -22.49
CA ASP C 89 29.20 -1.68 -21.11
C ASP C 89 29.77 -2.90 -20.41
N ASP C 90 30.40 -3.82 -21.13
CA ASP C 90 30.99 -5.00 -20.53
C ASP C 90 32.45 -4.77 -20.12
N THR C 91 32.99 -3.57 -20.33
CA THR C 91 34.35 -3.27 -19.92
C THR C 91 34.44 -3.29 -18.40
N ALA C 92 35.29 -4.16 -17.85
CA ALA C 92 35.40 -4.30 -16.41
C ALA C 92 36.62 -5.14 -16.08
N VAL C 93 37.00 -5.11 -14.80
CA VAL C 93 37.80 -6.19 -14.23
C VAL C 93 36.84 -7.32 -13.87
N TYR C 94 37.12 -8.53 -14.34
CA TYR C 94 36.25 -9.68 -14.08
C TYR C 94 36.88 -10.54 -12.99
N TYR C 95 36.13 -10.78 -11.93
CA TYR C 95 36.62 -11.53 -10.78
C TYR C 95 35.98 -12.90 -10.74
N CYS C 96 36.81 -13.90 -10.45
CA CYS C 96 36.35 -15.24 -10.16
C CYS C 96 36.23 -15.42 -8.65
N ALA C 97 35.24 -16.19 -8.20
CA ALA C 97 35.01 -16.39 -6.77
C ALA C 97 34.48 -17.80 -6.51
N ALA C 98 34.78 -18.31 -5.31
CA ALA C 98 34.44 -19.67 -4.90
C ALA C 98 33.54 -19.64 -3.68
N ALA C 99 32.43 -20.40 -3.73
CA ALA C 99 31.46 -20.43 -2.66
C ALA C 99 31.89 -21.40 -1.56
N GLY C 100 31.11 -21.46 -0.50
CA GLY C 100 31.38 -22.33 0.63
C GLY C 100 30.39 -23.49 0.75
N LEU C 101 30.60 -24.27 1.81
CA LEU C 101 29.75 -25.42 2.11
C LEU C 101 28.27 -25.05 2.04
N GLY C 102 27.49 -25.86 1.33
CA GLY C 102 26.06 -25.75 1.34
C GLY C 102 25.45 -24.75 0.39
N THR C 103 26.26 -24.03 -0.39
CA THR C 103 25.73 -23.11 -1.39
C THR C 103 25.64 -23.80 -2.74
N VAL C 104 24.42 -23.97 -3.24
CA VAL C 104 24.26 -24.56 -4.57
C VAL C 104 24.55 -23.54 -5.65
N VAL C 105 23.88 -22.38 -5.58
CA VAL C 105 24.17 -21.23 -6.42
C VAL C 105 23.92 -19.97 -5.60
N SER C 106 24.59 -18.88 -5.96
CA SER C 106 24.35 -17.61 -5.31
C SER C 106 24.76 -16.45 -6.21
N GLU C 107 23.95 -15.40 -6.23
CA GLU C 107 24.34 -14.14 -6.87
C GLU C 107 24.92 -13.15 -5.89
N TRP C 108 25.07 -13.51 -4.61
CA TRP C 108 25.43 -12.57 -3.57
C TRP C 108 26.91 -12.72 -3.21
N ASP C 109 27.64 -11.60 -3.22
CA ASP C 109 29.08 -11.66 -3.00
C ASP C 109 29.42 -12.15 -1.61
N TYR C 110 28.60 -11.85 -0.60
CA TYR C 110 28.88 -12.35 0.73
C TYR C 110 28.79 -13.88 0.84
N ASP C 111 28.25 -14.57 -0.17
CA ASP C 111 28.17 -16.02 -0.16
C ASP C 111 29.42 -16.69 -0.72
N TYR C 112 30.39 -15.93 -1.20
CA TYR C 112 31.62 -16.48 -1.74
C TYR C 112 32.77 -16.20 -0.77
N ASP C 113 33.60 -17.20 -0.54
CA ASP C 113 34.60 -17.16 0.52
C ASP C 113 36.01 -16.90 0.01
N TYR C 114 36.23 -17.03 -1.30
CA TYR C 114 37.55 -16.89 -1.88
C TYR C 114 37.41 -16.17 -3.21
N TRP C 115 38.39 -15.33 -3.53
CA TRP C 115 38.32 -14.45 -4.69
C TRP C 115 39.66 -14.46 -5.41
N GLY C 116 39.61 -14.47 -6.74
CA GLY C 116 40.78 -14.16 -7.51
C GLY C 116 41.04 -12.66 -7.53
N GLN C 117 42.14 -12.28 -8.17
CA GLN C 117 42.55 -10.89 -8.25
C GLN C 117 42.11 -10.22 -9.55
N GLY C 118 41.38 -10.94 -10.40
CA GLY C 118 40.70 -10.33 -11.53
C GLY C 118 41.51 -10.34 -12.81
N THR C 119 40.80 -10.22 -13.93
CA THR C 119 41.40 -10.02 -15.23
C THR C 119 40.66 -8.90 -15.95
N GLN C 120 41.42 -8.04 -16.64
CA GLN C 120 40.85 -6.87 -17.27
C GLN C 120 40.26 -7.24 -18.62
N VAL C 121 39.03 -6.78 -18.87
CA VAL C 121 38.38 -6.91 -20.17
C VAL C 121 38.04 -5.49 -20.65
N THR C 122 38.41 -5.18 -21.89
CA THR C 122 38.14 -3.87 -22.49
C THR C 122 37.43 -4.06 -23.82
N VAL C 123 36.22 -3.50 -23.93
CA VAL C 123 35.42 -3.61 -25.14
C VAL C 123 35.39 -2.24 -25.80
N SER C 124 35.93 -2.15 -27.01
CA SER C 124 36.26 -0.87 -27.65
C SER C 124 35.16 -0.42 -28.60
N SER C 125 34.84 0.87 -28.53
CA SER C 125 33.97 1.61 -29.47
C SER C 125 33.59 0.87 -30.75
N ASN D 2 -15.25 26.06 -24.90
CA ASN D 2 -15.09 24.83 -24.12
C ASN D 2 -15.24 25.12 -22.63
N LEU D 3 -15.88 24.20 -21.93
CA LEU D 3 -16.15 24.35 -20.50
C LEU D 3 -15.10 23.63 -19.69
N CYS D 4 -14.89 24.10 -18.45
CA CYS D 4 -13.86 23.56 -17.59
C CYS D 4 -14.05 22.05 -17.41
N PRO D 5 -13.00 21.25 -17.53
CA PRO D 5 -13.15 19.78 -17.47
C PRO D 5 -13.23 19.24 -16.04
N PHE D 6 -14.40 19.45 -15.42
CA PHE D 6 -14.57 18.99 -14.04
C PHE D 6 -14.72 17.48 -13.97
N GLY D 7 -15.28 16.86 -15.00
CA GLY D 7 -15.49 15.42 -14.98
C GLY D 7 -14.19 14.64 -14.84
N GLU D 8 -13.12 15.14 -15.45
CA GLU D 8 -11.85 14.43 -15.35
C GLU D 8 -11.27 14.48 -13.94
N VAL D 9 -11.67 15.45 -13.12
CA VAL D 9 -11.25 15.47 -11.73
C VAL D 9 -12.15 14.56 -10.88
N PHE D 10 -13.46 14.81 -10.88
CA PHE D 10 -14.35 14.10 -9.98
C PHE D 10 -14.54 12.65 -10.39
N ASN D 11 -14.61 12.39 -11.69
CA ASN D 11 -14.90 11.06 -12.22
C ASN D 11 -13.63 10.30 -12.58
N ALA D 12 -12.45 10.82 -12.21
CA ALA D 12 -11.20 10.14 -12.51
C ALA D 12 -11.19 8.74 -11.90
N THR D 13 -10.54 7.81 -12.59
CA THR D 13 -10.56 6.41 -12.16
C THR D 13 -9.81 6.24 -10.85
N LYS D 14 -8.54 6.65 -10.82
CA LYS D 14 -7.71 6.51 -9.64
C LYS D 14 -7.60 7.85 -8.91
N PHE D 15 -7.61 7.78 -7.59
CA PHE D 15 -7.40 8.92 -6.70
C PHE D 15 -6.18 8.64 -5.84
N PRO D 16 -5.56 9.66 -5.26
CA PRO D 16 -4.34 9.42 -4.49
C PRO D 16 -4.55 9.37 -2.98
N SER D 17 -3.51 8.91 -2.28
CA SER D 17 -3.46 9.03 -0.83
C SER D 17 -3.43 10.48 -0.41
N VAL D 18 -3.99 10.75 0.78
CA VAL D 18 -4.13 12.11 1.26
C VAL D 18 -2.76 12.76 1.49
N TYR D 19 -1.79 11.98 1.99
CA TYR D 19 -0.46 12.55 2.20
C TYR D 19 0.19 12.95 0.88
N ALA D 20 -0.17 12.28 -0.21
CA ALA D 20 0.34 12.59 -1.54
C ALA D 20 -0.73 13.26 -2.40
N TRP D 21 -1.57 14.11 -1.78
CA TRP D 21 -2.68 14.73 -2.49
C TRP D 21 -2.18 15.49 -3.72
N GLU D 22 -2.97 15.45 -4.78
CA GLU D 22 -2.58 16.04 -6.05
C GLU D 22 -3.50 17.20 -6.39
N ARG D 23 -2.97 18.12 -7.20
CA ARG D 23 -3.61 19.40 -7.49
C ARG D 23 -3.74 19.59 -8.99
N LYS D 24 -4.94 19.94 -9.45
CA LYS D 24 -5.18 20.27 -10.85
C LYS D 24 -5.59 21.74 -10.99
N LYS D 25 -4.89 22.45 -11.88
CA LYS D 25 -5.27 23.83 -12.18
C LYS D 25 -6.39 23.85 -13.20
N ILE D 26 -7.43 24.63 -12.94
CA ILE D 26 -8.56 24.77 -13.84
C ILE D 26 -8.70 26.25 -14.20
N SER D 27 -8.39 26.57 -15.45
CA SER D 27 -8.36 27.95 -15.94
C SER D 27 -8.54 27.89 -17.45
N ASN D 28 -8.51 29.06 -18.07
CA ASN D 28 -8.71 29.19 -19.52
C ASN D 28 -9.93 28.40 -19.98
N CYS D 29 -11.02 28.56 -19.25
CA CYS D 29 -12.28 27.85 -19.45
C CYS D 29 -13.33 28.59 -18.61
N VAL D 30 -14.59 28.49 -19.02
CA VAL D 30 -15.70 28.98 -18.18
C VAL D 30 -16.41 27.77 -17.61
N ALA D 31 -16.71 27.83 -16.33
CA ALA D 31 -17.08 26.66 -15.55
C ALA D 31 -18.59 26.53 -15.47
N ASP D 32 -19.09 25.35 -15.78
CA ASP D 32 -20.50 25.03 -15.64
C ASP D 32 -20.65 24.26 -14.34
N TYR D 33 -21.06 24.97 -13.29
CA TYR D 33 -21.18 24.38 -11.96
C TYR D 33 -22.46 23.58 -11.78
N SER D 34 -23.27 23.42 -12.84
CA SER D 34 -24.50 22.63 -12.73
C SER D 34 -24.22 21.25 -12.14
N VAL D 35 -23.10 20.64 -12.53
CA VAL D 35 -22.85 19.24 -12.19
C VAL D 35 -22.65 19.06 -10.69
N LEU D 36 -22.16 20.09 -10.00
CA LEU D 36 -22.01 20.03 -8.55
C LEU D 36 -23.24 20.52 -7.80
N TYR D 37 -24.09 21.34 -8.43
CA TYR D 37 -25.07 22.08 -7.66
C TYR D 37 -26.25 21.21 -7.28
N ASN D 38 -26.87 20.57 -8.26
CA ASN D 38 -27.92 19.60 -8.06
C ASN D 38 -27.40 18.26 -8.57
N SER D 39 -27.22 17.32 -7.65
CA SER D 39 -26.77 15.96 -7.98
C SER D 39 -27.30 15.04 -6.90
N THR D 40 -27.20 13.74 -7.15
CA THR D 40 -27.33 12.74 -6.09
C THR D 40 -25.97 12.16 -5.76
N PHE D 41 -24.92 12.75 -6.30
CA PHE D 41 -23.58 12.19 -6.28
C PHE D 41 -22.85 12.49 -4.98
N PHE D 42 -23.12 13.64 -4.35
CA PHE D 42 -22.29 14.14 -3.26
C PHE D 42 -22.98 13.97 -1.91
N SER D 43 -22.24 13.43 -0.94
CA SER D 43 -22.70 13.27 0.43
C SER D 43 -22.33 14.45 1.33
N THR D 44 -21.28 15.20 0.99
CA THR D 44 -20.87 16.36 1.78
C THR D 44 -20.45 17.46 0.82
N PHE D 45 -20.85 18.69 1.14
CA PHE D 45 -20.63 19.84 0.26
C PHE D 45 -20.76 21.10 1.11
N LYS D 46 -19.64 21.67 1.50
CA LYS D 46 -19.62 22.90 2.28
C LYS D 46 -18.73 23.91 1.57
N CYS D 47 -19.17 25.16 1.50
CA CYS D 47 -18.34 26.21 0.94
C CYS D 47 -18.00 27.20 2.03
N TYR D 48 -16.80 27.78 1.94
CA TYR D 48 -16.20 28.62 2.97
C TYR D 48 -15.79 29.96 2.36
N GLY D 49 -16.13 31.05 3.03
CA GLY D 49 -15.77 32.38 2.52
C GLY D 49 -16.53 32.85 1.31
N VAL D 50 -16.72 31.99 0.31
CA VAL D 50 -17.46 32.30 -0.90
C VAL D 50 -18.91 31.84 -0.73
N SER D 51 -19.82 32.51 -1.43
CA SER D 51 -21.24 32.18 -1.35
C SER D 51 -21.50 30.83 -2.00
N ALA D 52 -22.03 29.89 -1.22
CA ALA D 52 -22.30 28.56 -1.77
C ALA D 52 -23.33 28.61 -2.90
N THR D 53 -24.20 29.62 -2.88
CA THR D 53 -25.26 29.71 -3.87
C THR D 53 -24.75 30.16 -5.24
N LYS D 54 -23.71 31.00 -5.26
CA LYS D 54 -23.48 31.92 -6.37
C LYS D 54 -22.29 31.57 -7.25
N LEU D 55 -21.75 30.35 -7.16
CA LEU D 55 -20.48 30.09 -7.83
C LEU D 55 -20.60 30.08 -9.36
N ASN D 56 -21.79 29.85 -9.91
CA ASN D 56 -21.97 29.94 -11.36
C ASN D 56 -21.84 31.37 -11.87
N ASP D 57 -22.03 32.37 -11.00
CA ASP D 57 -21.87 33.76 -11.41
C ASP D 57 -20.42 34.10 -11.72
N LEU D 58 -19.46 33.46 -11.02
CA LEU D 58 -18.06 33.83 -11.15
C LEU D 58 -17.62 33.70 -12.59
N CYS D 59 -16.76 34.63 -13.02
CA CYS D 59 -16.46 34.80 -14.43
C CYS D 59 -14.98 34.68 -14.80
N PHE D 60 -14.05 34.91 -13.88
CA PHE D 60 -12.62 34.90 -14.23
C PHE D 60 -11.94 33.79 -13.44
N SER D 61 -12.15 32.56 -13.87
CA SER D 61 -11.83 31.39 -13.05
C SER D 61 -10.33 31.16 -12.98
N ASN D 62 -9.83 31.05 -11.76
CA ASN D 62 -8.48 30.55 -11.49
C ASN D 62 -8.62 29.72 -10.22
N VAL D 63 -9.01 28.46 -10.39
CA VAL D 63 -9.30 27.56 -9.29
C VAL D 63 -8.30 26.41 -9.33
N TYR D 64 -7.96 25.90 -8.15
CA TYR D 64 -7.17 24.69 -8.01
C TYR D 64 -8.04 23.61 -7.38
N ALA D 65 -8.02 22.42 -7.97
CA ALA D 65 -8.75 21.27 -7.47
C ALA D 65 -7.74 20.28 -6.90
N ASP D 66 -7.95 19.89 -5.64
CA ASP D 66 -7.14 18.89 -4.96
C ASP D 66 -7.97 17.64 -4.75
N SER D 67 -7.35 16.48 -4.95
CA SER D 67 -8.01 15.19 -4.80
C SER D 67 -7.26 14.33 -3.79
N PHE D 68 -8.00 13.56 -2.99
CA PHE D 68 -7.41 12.58 -2.10
C PHE D 68 -8.52 11.72 -1.51
N VAL D 69 -8.10 10.63 -0.87
CA VAL D 69 -9.01 9.70 -0.20
C VAL D 69 -8.74 9.77 1.29
N VAL D 70 -9.79 9.87 2.10
CA VAL D 70 -9.66 9.73 3.54
C VAL D 70 -10.81 8.88 4.08
N LYS D 71 -10.67 8.51 5.34
CA LYS D 71 -11.70 7.78 6.07
C LYS D 71 -12.83 8.72 6.47
N GLY D 72 -14.04 8.15 6.61
CA GLY D 72 -15.23 8.96 6.81
C GLY D 72 -15.12 9.94 7.96
N ASP D 73 -14.51 9.52 9.07
CA ASP D 73 -14.39 10.39 10.23
C ASP D 73 -13.37 11.49 10.01
N ASP D 74 -12.46 11.34 9.05
CA ASP D 74 -11.45 12.36 8.76
C ASP D 74 -11.96 13.46 7.84
N VAL D 75 -13.13 13.29 7.23
CA VAL D 75 -13.68 14.33 6.38
C VAL D 75 -13.91 15.61 7.19
N ARG D 76 -14.26 15.46 8.47
CA ARG D 76 -14.41 16.62 9.36
C ARG D 76 -13.16 17.50 9.37
N GLN D 77 -11.97 16.89 9.21
CA GLN D 77 -10.74 17.65 9.30
C GLN D 77 -10.44 18.47 8.05
N ILE D 78 -11.15 18.23 6.95
CA ILE D 78 -10.94 19.02 5.73
C ILE D 78 -11.76 20.29 5.84
N ALA D 79 -11.44 21.12 6.83
CA ALA D 79 -12.12 22.40 7.05
C ALA D 79 -11.11 23.39 7.61
N PRO D 80 -11.36 24.69 7.47
CA PRO D 80 -10.48 25.68 8.09
C PRO D 80 -10.45 25.54 9.61
N GLY D 81 -9.29 25.84 10.19
CA GLY D 81 -9.15 25.89 11.64
C GLY D 81 -9.35 24.57 12.34
N GLN D 82 -9.07 23.45 11.67
CA GLN D 82 -9.29 22.15 12.26
C GLN D 82 -7.99 21.52 12.73
N THR D 83 -8.10 20.73 13.79
CA THR D 83 -7.00 19.98 14.36
C THR D 83 -7.06 18.53 13.88
N GLY D 84 -5.98 17.78 14.12
CA GLY D 84 -5.97 16.35 13.91
C GLY D 84 -4.85 15.90 13.01
N VAL D 85 -4.66 14.57 12.98
CA VAL D 85 -3.57 13.95 12.20
C VAL D 85 -3.67 14.32 10.73
N ILE D 86 -4.88 14.46 10.19
CA ILE D 86 -5.02 14.79 8.78
C ILE D 86 -4.73 16.27 8.54
N ALA D 87 -5.39 17.14 9.29
CA ALA D 87 -5.19 18.58 9.14
C ALA D 87 -3.76 18.99 9.48
N ASP D 88 -3.18 18.36 10.51
CA ASP D 88 -1.84 18.76 10.96
C ASP D 88 -0.76 18.26 10.00
N TYR D 89 -0.85 17.00 9.56
CA TYR D 89 0.27 16.37 8.89
C TYR D 89 0.02 15.95 7.44
N ASN D 90 -1.17 16.16 6.90
CA ASN D 90 -1.47 15.59 5.59
C ASN D 90 -2.06 16.61 4.63
N TYR D 91 -3.05 17.38 5.08
CA TYR D 91 -3.69 18.38 4.23
C TYR D 91 -4.27 19.47 5.15
N LYS D 92 -3.70 20.67 5.08
CA LYS D 92 -4.05 21.75 5.98
C LYS D 92 -4.72 22.86 5.18
N LEU D 93 -5.84 23.37 5.71
CA LEU D 93 -6.62 24.40 5.03
C LEU D 93 -6.43 25.74 5.75
N PRO D 94 -6.17 26.83 5.01
CA PRO D 94 -5.90 28.11 5.69
C PRO D 94 -7.12 28.63 6.41
N ASP D 95 -6.88 29.39 7.49
CA ASP D 95 -7.99 30.02 8.20
C ASP D 95 -8.81 30.89 7.27
N ASP D 96 -8.14 31.58 6.35
CA ASP D 96 -8.75 32.48 5.37
C ASP D 96 -9.32 31.73 4.16
N PHE D 97 -9.53 30.43 4.27
CA PHE D 97 -9.89 29.64 3.09
C PHE D 97 -11.13 30.21 2.42
N MET D 98 -11.07 30.32 1.10
CA MET D 98 -12.24 30.64 0.28
C MET D 98 -12.35 29.57 -0.80
N GLY D 99 -13.43 28.80 -0.75
CA GLY D 99 -13.61 27.69 -1.66
C GLY D 99 -14.52 26.65 -1.03
N CYS D 100 -14.57 25.49 -1.67
CA CYS D 100 -15.55 24.47 -1.30
C CYS D 100 -14.89 23.13 -1.06
N VAL D 101 -15.52 22.35 -0.17
CA VAL D 101 -15.03 21.05 0.27
C VAL D 101 -16.10 20.02 -0.10
N LEU D 102 -15.73 19.04 -0.91
CA LEU D 102 -16.67 18.05 -1.44
C LEU D 102 -16.15 16.66 -1.15
N ALA D 103 -17.05 15.75 -0.77
CA ALA D 103 -16.67 14.37 -0.49
C ALA D 103 -17.85 13.44 -0.76
N TRP D 104 -17.54 12.22 -1.19
CA TRP D 104 -18.58 11.21 -1.41
C TRP D 104 -18.06 9.82 -1.04
N ASN D 105 -18.98 9.00 -0.53
CA ASN D 105 -18.65 7.64 -0.12
C ASN D 105 -18.24 6.80 -1.32
N THR D 106 -17.10 6.12 -1.20
CA THR D 106 -16.59 5.25 -2.25
C THR D 106 -16.40 3.82 -1.75
N ARG D 107 -17.29 3.38 -0.84
CA ARG D 107 -17.17 2.03 -0.28
C ARG D 107 -17.20 0.96 -1.36
N ASN D 108 -18.14 1.06 -2.30
CA ASN D 108 -18.31 0.03 -3.30
C ASN D 108 -17.19 -0.01 -4.33
N ILE D 109 -16.33 1.01 -4.39
CA ILE D 109 -15.23 1.02 -5.35
C ILE D 109 -13.86 1.13 -4.71
N ASP D 110 -13.75 1.53 -3.44
CA ASP D 110 -12.46 1.67 -2.77
C ASP D 110 -12.27 0.74 -1.59
N ALA D 111 -13.29 -0.01 -1.20
CA ALA D 111 -13.18 -0.93 -0.09
C ALA D 111 -13.48 -2.35 -0.57
N THR D 112 -12.91 -3.33 0.12
CA THR D 112 -13.10 -4.74 -0.18
C THR D 112 -13.43 -5.48 1.10
N SER D 113 -14.07 -6.64 0.95
CA SER D 113 -14.35 -7.49 2.11
C SER D 113 -13.06 -7.91 2.80
N THR D 114 -12.02 -8.21 2.02
CA THR D 114 -10.74 -8.60 2.61
C THR D 114 -9.98 -7.39 3.15
N GLY D 115 -10.21 -6.20 2.59
CA GLY D 115 -9.59 -4.99 3.09
C GLY D 115 -8.61 -4.34 2.14
N ASN D 116 -8.87 -3.09 1.78
CA ASN D 116 -8.00 -2.33 0.88
C ASN D 116 -7.06 -1.47 1.71
N TYR D 117 -5.75 -1.74 1.58
CA TYR D 117 -4.71 -1.03 2.31
C TYR D 117 -3.82 -0.20 1.38
N ASN D 118 -4.30 0.13 0.18
CA ASN D 118 -3.51 0.93 -0.76
C ASN D 118 -3.45 2.41 -0.38
N TYR D 119 -4.41 2.91 0.39
CA TYR D 119 -4.44 4.32 0.75
C TYR D 119 -3.70 4.56 2.05
N LYS D 120 -2.90 5.62 2.07
CA LYS D 120 -1.98 5.90 3.15
C LYS D 120 -2.17 7.32 3.66
N TYR D 121 -1.70 7.55 4.88
CA TYR D 121 -1.65 8.86 5.49
C TYR D 121 -0.42 8.92 6.38
N ARG D 122 0.13 10.13 6.49
CA ARG D 122 1.23 10.40 7.40
C ARG D 122 0.68 10.56 8.81
N TYR D 123 1.41 10.04 9.80
CA TYR D 123 0.94 10.15 11.18
C TYR D 123 2.02 10.58 12.16
N LEU D 124 3.27 10.72 11.71
CA LEU D 124 4.34 11.29 12.53
C LEU D 124 5.02 12.41 11.76
N ARG D 125 5.24 13.54 12.44
CA ARG D 125 5.92 14.66 11.79
C ARG D 125 6.32 15.68 12.84
N HIS D 126 7.46 16.32 12.60
CA HIS D 126 7.91 17.43 13.43
C HIS D 126 7.22 18.70 12.95
N GLY D 127 6.16 19.09 13.64
CA GLY D 127 5.55 20.38 13.31
C GLY D 127 4.48 20.26 12.24
N LYS D 128 3.45 21.09 12.40
CA LYS D 128 2.29 21.04 11.51
C LYS D 128 2.64 21.56 10.12
N LEU D 129 1.97 20.99 9.12
CA LEU D 129 1.99 21.54 7.77
C LEU D 129 1.49 22.98 7.78
N ARG D 130 1.95 23.75 6.82
CA ARG D 130 1.35 25.04 6.54
C ARG D 130 0.19 24.86 5.57
N PRO D 131 -0.69 25.86 5.47
CA PRO D 131 -1.80 25.76 4.51
C PRO D 131 -1.31 25.41 3.12
N PHE D 132 -1.94 24.40 2.51
CA PHE D 132 -1.63 23.91 1.18
C PHE D 132 -0.24 23.34 1.04
N GLU D 133 0.46 23.11 2.15
CA GLU D 133 1.74 22.42 2.08
C GLU D 133 1.52 20.92 1.85
N ARG D 134 2.49 20.30 1.18
CA ARG D 134 2.41 18.89 0.79
C ARG D 134 3.75 18.24 1.09
N ASP D 135 3.71 17.07 1.73
CA ASP D 135 4.91 16.36 2.18
C ASP D 135 4.81 14.92 1.72
N ILE D 136 5.61 14.53 0.74
CA ILE D 136 5.66 13.15 0.26
C ILE D 136 6.96 12.47 0.65
N SER D 137 7.70 13.04 1.60
CA SER D 137 8.92 12.41 2.08
C SER D 137 8.57 11.17 2.90
N ASN D 138 9.43 10.16 2.81
CA ASN D 138 9.26 8.93 3.57
C ASN D 138 10.64 8.59 4.14
N VAL D 139 10.99 9.28 5.23
CA VAL D 139 12.28 9.11 5.89
C VAL D 139 12.03 8.79 7.36
N PRO D 140 12.91 8.02 8.01
CA PRO D 140 12.65 7.61 9.39
C PRO D 140 12.61 8.79 10.35
N PHE D 141 11.72 8.69 11.33
CA PHE D 141 11.37 9.78 12.23
C PHE D 141 11.78 9.44 13.65
N SER D 142 12.40 10.41 14.34
CA SER D 142 12.73 10.24 15.75
C SER D 142 12.07 11.35 16.57
N PRO D 143 11.56 11.03 17.77
CA PRO D 143 10.84 12.05 18.55
C PRO D 143 11.72 13.15 19.11
N ASP D 144 13.02 13.14 18.88
CA ASP D 144 13.90 14.20 19.33
C ASP D 144 14.47 15.01 18.17
N GLY D 145 13.99 14.78 16.95
CA GLY D 145 14.33 15.59 15.80
C GLY D 145 15.59 15.20 15.08
N LYS D 146 16.50 14.48 15.72
CA LYS D 146 17.78 14.16 15.11
C LYS D 146 17.58 13.18 13.95
N PRO D 147 18.57 13.07 13.04
CA PRO D 147 18.50 12.03 11.99
C PRO D 147 18.44 10.63 12.57
N CYS D 148 18.34 9.62 11.70
CA CYS D 148 17.81 8.37 12.20
C CYS D 148 17.94 7.22 11.20
N THR D 149 18.44 6.07 11.66
CA THR D 149 18.61 4.94 10.75
C THR D 149 18.09 3.65 11.37
N PRO D 150 17.05 3.03 10.79
CA PRO D 150 16.61 1.74 11.35
C PRO D 150 17.63 0.65 11.11
N PRO D 151 17.64 -0.37 11.97
CA PRO D 151 16.74 -0.65 13.08
C PRO D 151 17.18 -0.09 14.43
N ALA D 152 17.56 1.19 14.49
CA ALA D 152 17.90 1.80 15.76
C ALA D 152 16.65 2.03 16.61
N LEU D 153 16.83 2.01 17.93
CA LEU D 153 15.74 2.29 18.84
C LEU D 153 15.25 3.72 18.66
N ASN D 154 13.96 3.93 18.93
CA ASN D 154 13.32 5.25 18.82
C ASN D 154 13.48 5.82 17.41
N CYS D 155 13.21 4.97 16.41
CA CYS D 155 13.28 5.34 15.00
C CYS D 155 12.12 4.69 14.26
N TYR D 156 11.22 5.51 13.74
CA TYR D 156 9.94 5.00 13.24
C TYR D 156 9.70 5.45 11.81
N TRP D 157 8.80 4.73 11.14
CA TRP D 157 8.36 5.14 9.81
C TRP D 157 7.06 5.92 9.94
N PRO D 158 6.93 7.03 9.20
CA PRO D 158 5.85 7.98 9.46
C PRO D 158 4.56 7.78 8.67
N LEU D 159 4.50 6.87 7.71
CA LEU D 159 3.27 6.65 6.96
C LEU D 159 2.57 5.40 7.48
N ASN D 160 1.25 5.35 7.31
CA ASN D 160 0.49 4.19 7.71
C ASN D 160 -0.67 4.02 6.74
N ASP D 161 -1.17 2.78 6.66
CA ASP D 161 -2.24 2.45 5.72
C ASP D 161 -3.61 2.76 6.31
N TYR D 162 -4.47 3.36 5.51
CA TYR D 162 -5.90 3.19 5.73
C TYR D 162 -6.25 1.73 5.46
N GLY D 163 -7.18 1.19 6.23
CA GLY D 163 -7.69 -0.15 5.97
C GLY D 163 -9.18 -0.07 5.72
N PHE D 164 -9.60 -0.26 4.48
CA PHE D 164 -11.00 -0.04 4.10
C PHE D 164 -11.69 -1.39 3.87
N TYR D 165 -12.59 -1.74 4.78
CA TYR D 165 -13.41 -2.94 4.69
C TYR D 165 -14.85 -2.56 4.39
N THR D 166 -15.58 -3.49 3.78
CA THR D 166 -16.98 -3.24 3.45
C THR D 166 -17.94 -3.52 4.61
N THR D 167 -17.44 -4.01 5.76
CA THR D 167 -18.28 -4.37 6.88
C THR D 167 -18.27 -3.35 8.00
N THR D 168 -17.37 -2.37 7.97
CA THR D 168 -17.25 -1.40 9.04
C THR D 168 -18.32 -0.32 8.95
N GLY D 169 -18.40 0.50 9.99
CA GLY D 169 -19.32 1.62 9.98
C GLY D 169 -18.88 2.71 9.01
N ILE D 170 -19.82 3.63 8.75
CA ILE D 170 -19.62 4.66 7.74
C ILE D 170 -18.43 5.53 8.09
N GLY D 171 -18.15 5.72 9.39
CA GLY D 171 -17.03 6.53 9.81
C GLY D 171 -15.68 5.96 9.45
N TYR D 172 -15.61 4.68 9.08
CA TYR D 172 -14.38 4.05 8.67
C TYR D 172 -14.36 3.70 7.18
N GLN D 173 -15.43 4.00 6.46
CA GLN D 173 -15.50 3.71 5.04
C GLN D 173 -14.74 4.78 4.25
N PRO D 174 -14.26 4.45 3.05
CA PRO D 174 -13.46 5.41 2.29
C PRO D 174 -14.30 6.50 1.66
N TYR D 175 -13.73 7.70 1.62
CA TYR D 175 -14.37 8.85 0.99
C TYR D 175 -13.40 9.52 0.03
N ARG D 176 -13.84 9.76 -1.19
CA ARG D 176 -13.09 10.57 -2.14
C ARG D 176 -13.45 12.03 -1.88
N VAL D 177 -12.42 12.88 -1.81
CA VAL D 177 -12.56 14.28 -1.44
C VAL D 177 -12.00 15.13 -2.59
N VAL D 178 -12.66 16.27 -2.84
CA VAL D 178 -12.18 17.27 -3.79
C VAL D 178 -12.32 18.64 -3.14
N VAL D 179 -11.21 19.37 -3.04
CA VAL D 179 -11.19 20.72 -2.47
C VAL D 179 -10.95 21.69 -3.61
N LEU D 180 -11.88 22.64 -3.78
CA LEU D 180 -11.74 23.71 -4.76
C LEU D 180 -11.30 24.97 -4.04
N SER D 181 -10.09 25.43 -4.37
CA SER D 181 -9.57 26.68 -3.82
C SER D 181 -9.65 27.78 -4.88
N PHE D 182 -10.09 28.96 -4.46
CA PHE D 182 -10.22 30.10 -5.35
C PHE D 182 -9.14 31.13 -5.05
N GLU D 183 -8.29 31.39 -6.06
CA GLU D 183 -7.30 32.45 -5.97
C GLU D 183 -7.98 33.78 -5.58
N GLY D 184 -7.20 34.64 -4.93
CA GLY D 184 -7.66 35.97 -4.62
C GLY D 184 -8.07 36.71 -5.88
N SER D 185 -9.07 37.56 -5.78
CA SER D 185 -9.57 38.26 -6.95
C SER D 185 -8.71 39.41 -7.40
N LEU D 186 -7.85 39.96 -6.53
CA LEU D 186 -7.01 41.10 -6.87
C LEU D 186 -5.57 40.82 -6.46
N GLU D 187 -4.71 40.59 -7.44
CA GLU D 187 -3.31 40.28 -7.19
C GLU D 187 -2.42 41.37 -7.77
N VAL D 188 -1.51 41.88 -6.96
CA VAL D 188 -0.54 42.89 -7.37
C VAL D 188 0.71 42.19 -7.87
N LEU D 189 1.03 42.36 -9.16
CA LEU D 189 2.24 41.73 -9.70
C LEU D 189 3.49 42.54 -9.35
N PHE D 190 3.47 43.85 -9.59
CA PHE D 190 4.52 44.74 -9.11
C PHE D 190 3.92 46.13 -8.85
N GLN D 191 4.66 46.91 -8.07
CA GLN D 191 4.18 48.08 -7.31
C GLN D 191 2.89 48.69 -7.82
C1 NAG E . 8.38 -22.80 -12.73
C2 NAG E . 8.85 -24.26 -12.88
C3 NAG E . 10.04 -24.36 -13.87
C4 NAG E . 9.78 -23.59 -15.15
C5 NAG E . 9.41 -22.15 -14.80
C6 NAG E . 9.12 -21.29 -16.01
C7 NAG E . 8.65 -25.81 -10.98
C8 NAG E . 9.22 -26.19 -9.64
N2 NAG E . 9.24 -24.78 -11.59
O3 NAG E . 10.26 -25.74 -14.19
O4 NAG E . 10.97 -23.59 -15.96
O5 NAG E . 8.21 -22.20 -14.02
O6 NAG E . 7.95 -21.72 -16.68
O7 NAG E . 7.69 -26.40 -11.48
C1 NAG F . 21.52 -32.26 -14.25
C2 NAG F . 21.38 -33.49 -15.17
C3 NAG F . 22.53 -34.47 -14.94
C4 NAG F . 23.87 -33.76 -15.06
C5 NAG F . 23.90 -32.57 -14.10
C6 NAG F . 25.17 -31.76 -14.21
C7 NAG F . 18.96 -33.77 -15.53
C8 NAG F . 17.74 -34.57 -15.17
N2 NAG F . 20.10 -34.16 -14.94
O3 NAG F . 22.46 -35.53 -15.88
O4 NAG F . 24.94 -34.65 -14.74
O5 NAG F . 22.82 -31.68 -14.42
O6 NAG F . 25.49 -31.49 -15.57
O7 NAG F . 18.92 -32.83 -16.32
C1 NAG G . -19.49 11.99 -13.77
C2 NAG G . -20.16 13.33 -13.54
C3 NAG G . -21.64 13.11 -13.26
C4 NAG G . -22.29 12.37 -14.43
C5 NAG G . -21.50 11.12 -14.84
C6 NAG G . -21.91 10.63 -16.21
C7 NAG G . -18.99 15.29 -12.67
C8 NAG G . -18.44 15.97 -11.46
N2 NAG G . -19.55 14.09 -12.46
O3 NAG G . -22.29 14.36 -13.03
O4 NAG G . -23.60 11.98 -14.07
O5 NAG G . -20.08 11.37 -14.91
O6 NAG G . -21.73 11.65 -17.18
O7 NAG G . -18.93 15.80 -13.79
#